data_1GXI
#
_entry.id   1GXI
#
_cell.length_a   1.000
_cell.length_b   1.000
_cell.length_c   1.000
_cell.angle_alpha   90.00
_cell.angle_beta   90.00
_cell.angle_gamma   90.00
#
_symmetry.space_group_name_H-M   'P 1'
#
_entity_poly.entity_id   1
_entity_poly.type   'polypeptide(L)'
_entity_poly.pdbx_seq_one_letter_code
;ALNRGDKVRIKRTESYWYGDVGTVASVEKSGILYPVIVRFDRVNYNGFSGSASGVNTNNFAENELELVQAAAK
;
_entity_poly.pdbx_strand_id   E
#
# COMPACT_ATOMS: atom_id res chain seq x y z
N ALA A 1 11.15 -10.52 5.75
CA ALA A 1 10.14 -9.43 5.54
C ALA A 1 10.88 -8.14 5.35
N LEU A 2 10.18 -7.08 4.87
CA LEU A 2 10.71 -5.75 4.70
C LEU A 2 10.52 -4.87 5.95
N ASN A 3 10.61 -3.55 5.73
CA ASN A 3 10.57 -2.47 6.71
C ASN A 3 9.47 -1.47 6.38
N ARG A 4 9.35 -0.39 7.21
CA ARG A 4 8.39 0.69 7.11
C ARG A 4 8.92 1.87 6.27
N GLY A 5 8.77 1.78 4.93
CA GLY A 5 9.35 2.77 4.01
C GLY A 5 9.86 2.12 2.78
N ASP A 6 9.89 0.78 2.78
CA ASP A 6 10.46 -0.10 1.80
C ASP A 6 9.59 -0.36 0.59
N LYS A 7 9.05 0.74 0.01
CA LYS A 7 8.11 0.93 -1.11
C LYS A 7 7.82 -0.27 -2.00
N VAL A 8 6.69 -1.01 -1.76
CA VAL A 8 6.41 -2.26 -2.44
C VAL A 8 5.49 -2.05 -3.64
N ARG A 9 5.57 -2.91 -4.70
CA ARG A 9 4.79 -2.76 -5.91
C ARG A 9 3.54 -3.61 -5.98
N ILE A 10 2.34 -2.98 -5.82
CA ILE A 10 0.97 -3.54 -5.94
C ILE A 10 0.67 -4.24 -7.28
N LYS A 11 0.65 -5.60 -7.25
CA LYS A 11 0.46 -6.43 -8.42
C LYS A 11 -0.74 -7.35 -8.20
N ARG A 12 -1.93 -6.75 -7.87
CA ARG A 12 -3.20 -7.44 -7.65
C ARG A 12 -3.88 -7.99 -8.91
N THR A 13 -4.44 -7.08 -9.73
CA THR A 13 -5.11 -7.18 -11.04
C THR A 13 -6.42 -6.47 -10.84
N GLU A 14 -7.28 -6.99 -9.92
CA GLU A 14 -8.53 -6.44 -9.46
C GLU A 14 -8.32 -5.29 -8.45
N SER A 15 -7.85 -4.11 -8.96
CA SER A 15 -7.47 -2.95 -8.17
C SER A 15 -7.33 -1.80 -9.15
N TYR A 16 -7.39 -0.55 -8.62
CA TYR A 16 -7.20 0.72 -9.32
C TYR A 16 -5.72 1.14 -9.29
N TRP A 17 -4.87 0.33 -8.62
CA TRP A 17 -3.45 0.59 -8.40
C TRP A 17 -2.61 -0.52 -9.02
N TYR A 18 -3.11 -1.26 -10.05
CA TYR A 18 -2.42 -2.34 -10.77
C TYR A 18 -1.23 -1.86 -11.63
N GLY A 19 -0.01 -2.25 -11.17
CA GLY A 19 1.26 -1.93 -11.77
C GLY A 19 1.84 -0.69 -11.17
N ASP A 20 1.34 -0.26 -9.98
CA ASP A 20 1.79 0.90 -9.24
C ASP A 20 2.52 0.45 -7.99
N VAL A 21 3.28 1.39 -7.36
CA VAL A 21 4.03 1.19 -6.13
C VAL A 21 3.34 2.01 -5.03
N GLY A 22 3.83 1.82 -3.80
CA GLY A 22 3.48 2.70 -2.71
C GLY A 22 4.40 2.41 -1.60
N THR A 23 4.30 3.21 -0.51
CA THR A 23 5.11 3.11 0.70
C THR A 23 4.47 2.21 1.74
N VAL A 24 5.16 1.13 2.14
CA VAL A 24 4.75 0.16 3.14
C VAL A 24 4.77 0.63 4.60
N ALA A 25 3.70 1.36 5.00
CA ALA A 25 3.47 1.83 6.36
C ALA A 25 2.77 0.77 7.22
N SER A 26 3.26 -0.48 7.11
CA SER A 26 2.87 -1.76 7.68
C SER A 26 3.41 -2.02 9.05
N VAL A 27 4.75 -2.22 9.17
CA VAL A 27 5.46 -2.91 10.25
C VAL A 27 5.69 -2.11 11.52
N GLU A 28 4.75 -1.20 11.71
CA GLU A 28 4.51 -0.26 12.76
C GLU A 28 3.23 -0.70 13.47
N LYS A 29 2.08 -0.75 12.75
CA LYS A 29 0.77 -1.10 13.30
C LYS A 29 0.20 -2.42 12.82
N SER A 30 0.58 -2.85 11.60
CA SER A 30 0.04 -4.01 10.90
C SER A 30 0.74 -5.32 11.20
N GLY A 31 1.19 -5.46 12.47
CA GLY A 31 1.59 -6.67 13.16
C GLY A 31 0.41 -7.52 13.62
N ILE A 32 -0.49 -7.81 12.65
CA ILE A 32 -1.77 -8.50 12.75
C ILE A 32 -1.90 -9.55 11.64
N LEU A 33 -3.17 -9.90 11.34
CA LEU A 33 -3.71 -10.89 10.39
C LEU A 33 -3.43 -10.68 8.90
N TYR A 34 -3.54 -9.41 8.39
CA TYR A 34 -3.15 -9.06 7.02
C TYR A 34 -1.89 -8.21 7.25
N PRO A 35 -0.81 -8.43 6.50
CA PRO A 35 0.48 -7.84 6.81
C PRO A 35 0.70 -6.42 6.34
N VAL A 36 0.51 -6.07 5.04
CA VAL A 36 1.09 -4.85 4.46
C VAL A 36 0.18 -3.65 4.18
N ILE A 37 0.21 -2.55 5.01
CA ILE A 37 -0.47 -1.28 4.77
C ILE A 37 0.40 -0.49 3.85
N VAL A 38 -0.10 -0.02 2.69
CA VAL A 38 0.73 0.71 1.75
C VAL A 38 0.10 2.07 1.49
N ARG A 39 0.90 3.02 0.94
CA ARG A 39 0.57 4.35 0.44
C ARG A 39 0.00 4.28 -0.98
N PHE A 40 -0.91 5.19 -1.30
CA PHE A 40 -1.48 5.36 -2.63
C PHE A 40 -1.61 6.84 -2.88
N ASP A 41 -1.03 7.33 -4.02
CA ASP A 41 -1.17 8.70 -4.49
C ASP A 41 -2.49 8.91 -5.27
N ARG A 42 -3.19 7.82 -5.71
CA ARG A 42 -4.43 7.82 -6.46
C ARG A 42 -5.59 7.19 -5.67
N VAL A 43 -6.16 7.89 -4.65
CA VAL A 43 -7.25 7.44 -3.77
C VAL A 43 -8.66 7.82 -4.22
N ASN A 44 -8.76 8.10 -5.53
CA ASN A 44 -9.87 8.54 -6.34
C ASN A 44 -10.75 9.72 -5.85
N TYR A 45 -10.17 10.95 -5.91
CA TYR A 45 -10.58 12.31 -5.53
C TYR A 45 -11.89 12.87 -6.11
N ASN A 46 -12.89 11.99 -6.27
CA ASN A 46 -14.21 12.22 -6.79
C ASN A 46 -15.14 12.29 -5.59
N GLY A 47 -15.09 13.46 -4.87
CA GLY A 47 -15.69 13.81 -3.58
C GLY A 47 -17.13 13.47 -3.27
N PHE A 48 -17.99 13.29 -4.32
CA PHE A 48 -19.42 13.00 -4.20
C PHE A 48 -19.78 11.56 -4.49
N SER A 49 -18.75 10.77 -4.81
CA SER A 49 -18.77 9.32 -4.97
C SER A 49 -18.13 8.63 -3.78
N GLY A 50 -16.89 9.05 -3.43
CA GLY A 50 -16.15 8.53 -2.27
C GLY A 50 -15.70 9.67 -1.38
N SER A 51 -14.44 10.14 -1.57
CA SER A 51 -13.91 11.29 -0.84
C SER A 51 -12.61 11.70 -1.50
N ALA A 52 -12.02 12.82 -1.00
CA ALA A 52 -10.75 13.39 -1.42
C ALA A 52 -9.63 13.09 -0.43
N SER A 53 -9.95 12.46 0.72
CA SER A 53 -8.99 12.18 1.80
C SER A 53 -9.29 10.82 2.39
N GLY A 54 -9.69 9.84 1.53
CA GLY A 54 -10.22 8.54 1.93
C GLY A 54 -9.25 7.45 2.30
N VAL A 55 -9.04 6.50 1.36
CA VAL A 55 -8.21 5.31 1.54
C VAL A 55 -6.91 5.35 0.77
N ASN A 56 -5.93 5.98 1.47
CA ASN A 56 -4.51 6.17 1.15
C ASN A 56 -3.70 5.03 1.75
N THR A 57 -4.05 4.57 2.97
CA THR A 57 -3.50 3.47 3.77
C THR A 57 -4.47 2.31 3.68
N ASN A 58 -4.00 1.20 3.10
CA ASN A 58 -4.79 0.02 2.81
C ASN A 58 -3.90 -1.21 2.92
N ASN A 59 -4.42 -2.27 3.55
CA ASN A 59 -3.77 -3.52 3.89
C ASN A 59 -3.77 -4.60 2.81
N PHE A 60 -2.59 -5.02 2.33
CA PHE A 60 -2.43 -6.07 1.32
C PHE A 60 -1.91 -7.36 1.92
N ALA A 61 -1.95 -8.35 1.02
CA ALA A 61 -1.38 -9.66 1.07
C ALA A 61 -0.19 -9.72 0.12
N GLU A 62 1.04 -9.61 0.70
CA GLU A 62 2.44 -9.76 0.27
C GLU A 62 2.76 -10.55 -0.99
N ASN A 63 1.92 -11.56 -1.36
CA ASN A 63 1.90 -12.33 -2.58
C ASN A 63 1.74 -11.47 -3.85
N GLU A 64 0.99 -10.34 -3.68
CA GLU A 64 0.70 -9.36 -4.70
C GLU A 64 1.56 -8.12 -4.51
N LEU A 65 2.71 -8.20 -3.76
CA LEU A 65 3.64 -7.12 -3.46
C LEU A 65 5.14 -7.46 -3.56
N GLU A 66 5.89 -6.81 -4.50
CA GLU A 66 7.35 -6.95 -4.62
C GLU A 66 8.09 -5.71 -4.12
N LEU A 67 9.21 -5.85 -3.36
CA LEU A 67 10.17 -4.88 -2.84
C LEU A 67 10.87 -3.94 -3.82
N VAL A 68 11.00 -2.63 -3.50
CA VAL A 68 11.67 -1.62 -4.35
C VAL A 68 12.65 -0.73 -3.61
N GLN A 69 12.32 -0.29 -2.39
CA GLN A 69 13.10 0.68 -1.63
C GLN A 69 13.90 0.10 -0.50
N ALA A 70 15.22 0.31 -0.55
CA ALA A 70 16.22 -0.03 0.47
C ALA A 70 16.19 0.83 1.74
N ALA A 71 14.97 0.94 2.34
CA ALA A 71 14.63 1.73 3.53
C ALA A 71 14.86 0.95 4.81
N ALA A 72 16.12 0.55 5.02
CA ALA A 72 16.63 -0.17 6.19
C ALA A 72 17.26 0.81 7.17
N LYS A 73 16.65 0.97 8.37
CA LYS A 73 17.15 1.83 9.43
C LYS A 73 17.96 1.02 10.49
N ALA A 1 11.05 -9.96 3.94
CA ALA A 1 9.95 -9.03 4.27
C ALA A 1 10.49 -7.63 4.14
N LEU A 2 9.61 -6.61 4.17
CA LEU A 2 9.91 -5.20 4.06
C LEU A 2 10.04 -4.45 5.38
N ASN A 3 9.86 -3.11 5.36
CA ASN A 3 9.87 -2.22 6.54
C ASN A 3 8.80 -1.19 6.25
N ARG A 4 8.66 -0.18 7.14
CA ARG A 4 7.69 0.89 7.19
C ARG A 4 8.05 2.17 6.45
N GLY A 5 8.24 2.03 5.13
CA GLY A 5 8.69 3.14 4.30
C GLY A 5 9.15 2.72 2.96
N ASP A 6 9.09 1.40 2.66
CA ASP A 6 9.51 0.79 1.43
C ASP A 6 8.52 0.99 0.28
N LYS A 7 9.08 1.31 -0.91
CA LYS A 7 8.42 1.35 -2.18
C LYS A 7 8.32 -0.08 -2.72
N VAL A 8 7.31 -0.87 -2.24
CA VAL A 8 7.01 -2.24 -2.62
C VAL A 8 6.04 -2.08 -3.79
N ARG A 9 6.18 -2.82 -4.90
CA ARG A 9 5.37 -2.60 -6.09
C ARG A 9 4.14 -3.48 -6.19
N ILE A 10 2.90 -2.92 -6.05
CA ILE A 10 1.58 -3.60 -6.21
C ILE A 10 1.33 -4.40 -7.51
N LYS A 11 1.29 -5.76 -7.41
CA LYS A 11 1.00 -6.65 -8.53
C LYS A 11 -0.27 -7.42 -8.20
N ARG A 12 -1.30 -6.65 -7.76
CA ARG A 12 -2.65 -7.02 -7.42
C ARG A 12 -3.57 -6.64 -8.56
N THR A 13 -4.41 -7.61 -9.00
CA THR A 13 -5.38 -7.54 -10.07
C THR A 13 -6.63 -6.76 -9.68
N GLU A 14 -7.34 -7.21 -8.61
CA GLU A 14 -8.59 -6.69 -8.04
C GLU A 14 -8.52 -5.29 -7.42
N SER A 15 -7.94 -4.29 -8.11
CA SER A 15 -7.77 -2.93 -7.65
C SER A 15 -7.37 -2.12 -8.87
N TYR A 16 -7.41 -0.76 -8.79
CA TYR A 16 -7.03 0.15 -9.87
C TYR A 16 -5.57 0.61 -9.82
N TRP A 17 -4.74 -0.12 -9.02
CA TRP A 17 -3.35 0.17 -8.74
C TRP A 17 -2.43 -0.91 -9.25
N TYR A 18 -2.94 -1.84 -10.13
CA TYR A 18 -2.22 -2.94 -10.77
C TYR A 18 -1.06 -2.51 -11.70
N GLY A 19 0.21 -2.71 -11.25
CA GLY A 19 1.41 -2.37 -12.01
C GLY A 19 2.05 -1.09 -11.57
N ASP A 20 1.57 -0.51 -10.44
CA ASP A 20 2.04 0.69 -9.79
C ASP A 20 2.78 0.34 -8.52
N VAL A 21 3.37 1.35 -7.86
CA VAL A 21 4.14 1.22 -6.62
C VAL A 21 3.36 1.82 -5.45
N GLY A 22 3.94 1.75 -4.24
CA GLY A 22 3.38 2.44 -3.10
C GLY A 22 4.28 2.25 -1.94
N THR A 23 3.96 2.93 -0.82
CA THR A 23 4.72 2.93 0.40
C THR A 23 4.02 2.11 1.45
N VAL A 24 4.64 1.00 1.87
CA VAL A 24 4.17 0.10 2.91
C VAL A 24 4.19 0.71 4.31
N ALA A 25 3.13 1.46 4.67
CA ALA A 25 2.92 2.05 6.00
C ALA A 25 2.19 1.09 6.93
N SER A 26 2.73 -0.14 6.98
CA SER A 26 2.25 -1.33 7.67
C SER A 26 2.75 -1.65 9.02
N VAL A 27 4.02 -2.10 9.09
CA VAL A 27 4.80 -2.73 10.15
C VAL A 27 5.35 -1.71 11.14
N GLU A 28 4.32 -1.03 11.62
CA GLU A 28 4.24 0.01 12.58
C GLU A 28 2.95 -0.34 13.32
N LYS A 29 1.87 -0.69 12.56
CA LYS A 29 0.53 -1.07 12.98
C LYS A 29 0.22 -2.56 12.76
N SER A 30 0.67 -3.16 11.62
CA SER A 30 0.45 -4.50 11.08
C SER A 30 1.08 -5.66 11.78
N GLY A 31 0.75 -5.65 13.07
CA GLY A 31 0.64 -6.75 14.01
C GLY A 31 -0.75 -7.36 13.99
N ILE A 32 -1.29 -7.63 12.77
CA ILE A 32 -2.65 -8.13 12.50
C ILE A 32 -2.59 -9.17 11.36
N LEU A 33 -3.74 -9.27 10.65
CA LEU A 33 -4.13 -10.10 9.50
C LEU A 33 -3.40 -9.83 8.18
N TYR A 34 -3.18 -8.55 7.78
CA TYR A 34 -2.46 -8.23 6.54
C TYR A 34 -1.11 -7.65 6.96
N PRO A 35 0.07 -8.13 6.45
CA PRO A 35 1.40 -7.69 6.89
C PRO A 35 1.81 -6.34 6.29
N VAL A 36 1.28 -6.03 5.08
CA VAL A 36 1.51 -4.86 4.23
C VAL A 36 0.21 -4.01 4.22
N ILE A 37 0.31 -2.66 4.30
CA ILE A 37 -0.69 -1.60 4.31
C ILE A 37 0.05 -0.69 3.40
N VAL A 38 -0.46 -0.25 2.24
CA VAL A 38 0.37 0.47 1.27
C VAL A 38 -0.20 1.81 0.93
N ARG A 39 0.67 2.74 0.45
CA ARG A 39 0.37 4.06 -0.05
C ARG A 39 -0.05 4.04 -1.51
N PHE A 40 -0.98 4.93 -1.83
CA PHE A 40 -1.44 5.15 -3.20
C PHE A 40 -1.39 6.63 -3.47
N ASP A 41 -0.74 6.99 -4.60
CA ASP A 41 -0.54 8.35 -5.09
C ASP A 41 -1.58 8.69 -6.15
N ARG A 42 -2.23 7.62 -6.66
CA ARG A 42 -3.23 7.51 -7.71
C ARG A 42 -4.55 7.02 -7.14
N VAL A 43 -5.11 7.79 -6.18
CA VAL A 43 -6.39 7.55 -5.51
C VAL A 43 -7.52 8.20 -6.33
N ASN A 44 -8.78 7.99 -5.89
CA ASN A 44 -10.01 8.49 -6.47
C ASN A 44 -10.28 9.88 -5.93
N TYR A 45 -9.41 10.82 -6.37
CA TYR A 45 -9.29 12.25 -6.10
C TYR A 45 -10.53 13.15 -6.23
N ASN A 46 -11.65 12.62 -6.75
CA ASN A 46 -12.96 13.22 -6.91
C ASN A 46 -13.84 12.77 -5.74
N GLY A 47 -14.41 13.76 -5.01
CA GLY A 47 -15.13 13.60 -3.73
C GLY A 47 -16.52 13.00 -3.71
N PHE A 48 -16.62 11.73 -3.26
CA PHE A 48 -17.84 10.94 -3.12
C PHE A 48 -18.45 11.07 -1.71
N SER A 49 -19.35 10.11 -1.37
CA SER A 49 -20.11 9.89 -0.13
C SER A 49 -19.32 9.86 1.17
N GLY A 50 -18.11 9.24 1.12
CA GLY A 50 -17.10 9.24 2.18
C GLY A 50 -15.96 10.18 1.84
N SER A 51 -16.23 11.26 1.09
CA SER A 51 -15.29 12.28 0.67
C SER A 51 -14.35 11.91 -0.49
N ALA A 52 -13.19 12.60 -0.60
CA ALA A 52 -12.22 12.41 -1.66
C ALA A 52 -11.08 11.49 -1.28
N SER A 53 -9.89 12.07 -1.03
CA SER A 53 -8.59 11.45 -0.77
C SER A 53 -8.42 10.67 0.53
N GLY A 54 -9.44 9.86 0.88
CA GLY A 54 -9.53 9.05 2.11
C GLY A 54 -8.67 7.82 2.14
N VAL A 55 -8.83 6.95 1.13
CA VAL A 55 -8.13 5.67 0.94
C VAL A 55 -6.77 5.79 0.27
N ASN A 56 -5.87 6.24 1.14
CA ASN A 56 -4.44 6.50 0.94
C ASN A 56 -3.57 5.33 1.36
N THR A 57 -4.09 4.56 2.35
CA THR A 57 -3.53 3.41 3.03
C THR A 57 -4.63 2.35 3.03
N ASN A 58 -4.29 1.12 2.57
CA ASN A 58 -5.20 0.01 2.37
C ASN A 58 -4.33 -1.24 2.51
N ASN A 59 -4.94 -2.35 2.98
CA ASN A 59 -4.41 -3.65 3.41
C ASN A 59 -4.00 -4.62 2.30
N PHE A 60 -2.73 -5.12 2.33
CA PHE A 60 -2.14 -5.94 1.30
C PHE A 60 -1.50 -7.22 1.81
N ALA A 61 -1.45 -8.17 0.89
CA ALA A 61 -0.97 -9.52 1.07
C ALA A 61 0.33 -9.70 0.31
N GLU A 62 1.49 -9.68 1.03
CA GLU A 62 2.90 -9.80 0.64
C GLU A 62 3.30 -10.60 -0.61
N ASN A 63 2.47 -11.61 -1.02
CA ASN A 63 2.43 -12.39 -2.26
C ASN A 63 2.53 -11.52 -3.52
N GLU A 64 1.66 -10.48 -3.53
CA GLU A 64 1.45 -9.61 -4.68
C GLU A 64 2.30 -8.36 -4.65
N LEU A 65 3.27 -8.27 -3.70
CA LEU A 65 4.14 -7.12 -3.48
C LEU A 65 5.60 -7.47 -3.78
N GLU A 66 6.17 -6.74 -4.74
CA GLU A 66 7.56 -6.83 -5.17
C GLU A 66 8.41 -5.72 -4.55
N LEU A 67 9.39 -6.06 -3.69
CA LEU A 67 10.31 -5.20 -2.97
C LEU A 67 11.37 -4.42 -3.76
N VAL A 68 11.53 -3.09 -3.50
CA VAL A 68 12.52 -2.23 -4.16
C VAL A 68 13.39 -1.45 -3.17
N GLN A 69 12.78 -0.95 -2.08
CA GLN A 69 13.37 -0.05 -1.12
C GLN A 69 13.61 -0.60 0.26
N ALA A 70 14.87 -0.87 0.62
CA ALA A 70 15.33 -1.23 1.98
C ALA A 70 15.26 -0.09 3.04
N ALA A 71 14.02 0.40 3.34
CA ALA A 71 13.67 1.51 4.24
C ALA A 71 13.80 1.24 5.73
N ALA A 72 14.99 0.78 6.15
CA ALA A 72 15.41 0.42 7.49
C ALA A 72 16.08 1.52 8.31
N LYS A 73 16.04 1.27 9.63
CA LYS A 73 16.61 2.04 10.71
C LYS A 73 17.88 1.29 11.23
N ALA A 1 10.96 -10.68 2.05
CA ALA A 1 10.25 -9.60 2.79
C ALA A 1 11.03 -8.32 2.65
N LEU A 2 10.42 -7.16 2.98
CA LEU A 2 10.97 -5.83 2.87
C LEU A 2 11.64 -5.26 4.14
N ASN A 3 11.70 -3.90 4.20
CA ASN A 3 12.22 -3.06 5.26
C ASN A 3 11.26 -1.86 5.28
N ARG A 4 11.07 -1.14 6.41
CA ARG A 4 10.04 -0.09 6.54
C ARG A 4 10.34 1.34 6.08
N GLY A 5 9.54 1.87 5.12
CA GLY A 5 9.62 3.23 4.55
C GLY A 5 9.87 3.18 3.09
N ASP A 6 9.98 1.93 2.59
CA ASP A 6 10.22 1.42 1.29
C ASP A 6 9.06 1.65 0.35
N LYS A 7 9.38 1.89 -0.93
CA LYS A 7 8.45 1.95 -2.02
C LYS A 7 8.14 0.55 -2.49
N VAL A 8 7.30 -0.26 -1.77
CA VAL A 8 6.99 -1.63 -2.19
C VAL A 8 5.81 -1.56 -3.15
N ARG A 9 5.81 -2.44 -4.16
CA ARG A 9 4.90 -2.40 -5.29
C ARG A 9 3.87 -3.49 -5.31
N ILE A 10 2.58 -3.13 -5.22
CA ILE A 10 1.37 -3.97 -5.32
C ILE A 10 1.09 -4.69 -6.65
N LYS A 11 0.91 -6.04 -6.65
CA LYS A 11 0.64 -6.83 -7.84
C LYS A 11 -0.72 -7.59 -7.87
N ARG A 12 -1.83 -6.98 -7.35
CA ARG A 12 -3.18 -7.55 -7.42
C ARG A 12 -4.06 -6.76 -8.41
N THR A 13 -5.01 -7.44 -9.10
CA THR A 13 -5.90 -6.87 -10.13
C THR A 13 -7.31 -6.66 -9.62
N GLU A 14 -7.42 -6.53 -8.29
CA GLU A 14 -8.64 -6.34 -7.51
C GLU A 14 -9.00 -4.86 -7.29
N SER A 15 -8.30 -3.97 -8.04
CA SER A 15 -8.49 -2.53 -7.99
C SER A 15 -7.73 -1.92 -9.15
N TYR A 16 -7.69 -0.57 -9.18
CA TYR A 16 -7.00 0.32 -10.11
C TYR A 16 -5.61 0.72 -9.62
N TRP A 17 -5.03 -0.09 -8.70
CA TRP A 17 -3.75 0.07 -8.05
C TRP A 17 -2.78 -1.00 -8.53
N TYR A 18 -3.20 -1.80 -9.55
CA TYR A 18 -2.48 -2.90 -10.21
C TYR A 18 -1.19 -2.46 -10.96
N GLY A 19 -0.03 -2.71 -10.30
CA GLY A 19 1.31 -2.40 -10.81
C GLY A 19 1.78 -1.06 -10.33
N ASP A 20 1.50 -0.71 -9.05
CA ASP A 20 1.82 0.56 -8.48
C ASP A 20 2.48 0.45 -7.11
N VAL A 21 3.40 1.42 -6.90
CA VAL A 21 4.29 1.64 -5.76
C VAL A 21 3.65 2.51 -4.69
N GLY A 22 4.01 2.26 -3.41
CA GLY A 22 3.59 3.09 -2.30
C GLY A 22 4.52 2.84 -1.17
N THR A 23 4.28 3.52 -0.03
CA THR A 23 5.06 3.41 1.19
C THR A 23 4.51 2.32 2.05
N VAL A 24 5.40 1.41 2.48
CA VAL A 24 5.15 0.32 3.40
C VAL A 24 5.01 0.76 4.84
N ALA A 25 3.76 1.03 5.24
CA ALA A 25 3.31 1.33 6.59
C ALA A 25 2.95 0.07 7.41
N SER A 26 3.52 -1.11 7.03
CA SER A 26 3.41 -2.46 7.59
C SER A 26 3.98 -2.62 8.98
N VAL A 27 5.32 -2.47 9.11
CA VAL A 27 6.11 -2.85 10.29
C VAL A 27 6.14 -1.77 11.36
N GLU A 28 4.92 -1.38 11.73
CA GLU A 28 4.59 -0.29 12.59
C GLU A 28 3.14 -0.50 13.05
N LYS A 29 2.13 -0.42 12.14
CA LYS A 29 0.71 -0.53 12.45
C LYS A 29 0.07 -1.86 12.06
N SER A 30 0.76 -2.76 11.31
CA SER A 30 0.18 -4.01 10.85
C SER A 30 0.31 -5.19 11.80
N GLY A 31 0.46 -4.92 13.13
CA GLY A 31 0.38 -5.80 14.30
C GLY A 31 -0.99 -6.42 14.57
N ILE A 32 -1.59 -6.93 13.48
CA ILE A 32 -2.89 -7.55 13.26
C ILE A 32 -2.65 -8.85 12.49
N LEU A 33 -3.72 -9.35 11.82
CA LEU A 33 -3.85 -10.57 11.01
C LEU A 33 -3.10 -10.63 9.66
N TYR A 34 -2.97 -9.48 8.96
CA TYR A 34 -2.29 -9.35 7.66
C TYR A 34 -0.94 -8.64 7.86
N PRO A 35 0.13 -8.97 7.08
CA PRO A 35 1.49 -8.50 7.34
C PRO A 35 1.77 -7.07 6.85
N VAL A 36 1.31 -6.70 5.63
CA VAL A 36 1.65 -5.46 4.96
C VAL A 36 0.54 -4.44 4.86
N ILE A 37 0.80 -3.18 5.30
CA ILE A 37 -0.02 -2.02 4.94
C ILE A 37 0.88 -1.23 3.99
N VAL A 38 0.30 -0.62 2.94
CA VAL A 38 1.00 0.23 1.99
C VAL A 38 0.13 1.45 1.77
N ARG A 39 0.78 2.54 1.29
CA ARG A 39 0.29 3.83 0.82
C ARG A 39 -0.16 3.78 -0.64
N PHE A 40 -1.17 4.58 -0.96
CA PHE A 40 -1.67 4.81 -2.32
C PHE A 40 -1.85 6.28 -2.52
N ASP A 41 -1.25 6.82 -3.62
CA ASP A 41 -1.28 8.22 -4.08
C ASP A 41 -2.47 8.51 -5.00
N ARG A 42 -3.04 7.39 -5.50
CA ARG A 42 -4.16 7.20 -6.40
C ARG A 42 -5.43 6.87 -5.64
N VAL A 43 -5.83 7.85 -4.79
CA VAL A 43 -7.09 7.99 -4.06
C VAL A 43 -7.94 8.89 -4.95
N ASN A 44 -9.20 8.55 -5.32
CA ASN A 44 -9.97 9.27 -6.34
C ASN A 44 -10.64 10.59 -5.89
N TYR A 45 -9.80 11.40 -5.15
CA TYR A 45 -9.80 12.70 -4.45
C TYR A 45 -11.09 13.50 -4.23
N ASN A 46 -12.16 13.20 -4.98
CA ASN A 46 -13.46 13.84 -5.09
C ASN A 46 -14.42 13.57 -3.95
N GLY A 47 -13.87 13.57 -2.71
CA GLY A 47 -14.55 13.38 -1.43
C GLY A 47 -15.19 14.62 -0.88
N PHE A 48 -14.90 15.80 -1.51
CA PHE A 48 -15.51 17.10 -1.18
C PHE A 48 -16.48 17.51 -2.27
N SER A 49 -16.60 16.61 -3.25
CA SER A 49 -17.51 16.60 -4.38
C SER A 49 -18.60 15.56 -4.17
N GLY A 50 -18.22 14.29 -3.93
CA GLY A 50 -19.19 13.21 -3.70
C GLY A 50 -18.57 11.97 -3.11
N SER A 51 -17.88 11.16 -3.94
CA SER A 51 -17.26 9.88 -3.55
C SER A 51 -15.82 9.79 -4.03
N ALA A 52 -14.87 9.43 -3.13
CA ALA A 52 -13.45 9.21 -3.40
C ALA A 52 -13.15 7.73 -3.67
N SER A 53 -14.23 6.91 -3.55
CA SER A 53 -14.54 5.49 -3.73
C SER A 53 -13.57 4.40 -3.26
N GLY A 54 -12.29 4.78 -3.19
CA GLY A 54 -11.15 4.08 -2.63
C GLY A 54 -10.69 4.85 -1.42
N VAL A 55 -9.39 4.71 -1.09
CA VAL A 55 -8.77 5.30 0.07
C VAL A 55 -7.29 5.41 -0.26
N ASN A 56 -6.50 5.87 0.76
CA ASN A 56 -5.06 6.02 0.79
C ASN A 56 -4.38 4.86 1.55
N THR A 57 -5.03 4.24 2.57
CA THR A 57 -4.45 3.13 3.35
C THR A 57 -5.39 1.94 3.35
N ASN A 58 -4.80 0.75 3.12
CA ASN A 58 -5.45 -0.54 3.15
C ASN A 58 -4.35 -1.59 3.28
N ASN A 59 -4.72 -2.82 3.71
CA ASN A 59 -3.82 -3.95 3.98
C ASN A 59 -3.71 -4.93 2.84
N PHE A 60 -2.55 -5.61 2.86
CA PHE A 60 -2.16 -6.63 1.92
C PHE A 60 -1.52 -7.82 2.58
N ALA A 61 -1.38 -8.85 1.71
CA ALA A 61 -0.69 -10.09 1.89
C ALA A 61 0.56 -10.05 1.01
N GLU A 62 1.77 -9.93 1.65
CA GLU A 62 3.16 -9.92 1.21
C GLU A 62 3.61 -10.62 -0.10
N ASN A 63 2.77 -11.56 -0.64
CA ASN A 63 2.76 -12.19 -1.95
C ASN A 63 2.45 -11.16 -3.05
N GLU A 64 1.62 -10.13 -2.74
CA GLU A 64 1.23 -9.10 -3.69
C GLU A 64 2.28 -8.00 -3.75
N LEU A 65 3.25 -7.96 -2.80
CA LEU A 65 4.21 -6.89 -2.61
C LEU A 65 5.63 -7.20 -3.04
N GLU A 66 6.08 -6.56 -4.16
CA GLU A 66 7.45 -6.61 -4.69
C GLU A 66 8.21 -5.39 -4.21
N LEU A 67 9.46 -5.46 -3.68
CA LEU A 67 10.17 -4.26 -3.22
C LEU A 67 10.99 -3.49 -4.26
N VAL A 68 11.18 -2.16 -4.04
CA VAL A 68 11.93 -1.25 -4.90
C VAL A 68 13.00 -0.52 -4.09
N GLN A 69 12.78 -0.32 -2.76
CA GLN A 69 13.70 0.38 -1.90
C GLN A 69 14.35 -0.46 -0.84
N ALA A 70 15.43 0.17 -0.41
CA ALA A 70 16.30 -0.18 0.68
C ALA A 70 16.07 0.70 1.89
N ALA A 71 14.82 0.77 2.43
CA ALA A 71 14.47 1.58 3.61
C ALA A 71 14.90 0.96 4.96
N ALA A 72 16.22 0.73 5.08
CA ALA A 72 16.93 0.10 6.17
C ALA A 72 17.46 1.10 7.17
N LYS A 73 16.64 1.38 8.21
CA LYS A 73 16.98 2.22 9.34
C LYS A 73 17.71 1.36 10.40
N ALA A 1 7.35 -11.74 1.39
CA ALA A 1 6.92 -10.56 2.21
C ALA A 1 8.02 -9.52 2.16
N LEU A 2 7.76 -8.28 2.60
CA LEU A 2 8.67 -7.14 2.54
C LEU A 2 9.45 -6.78 3.81
N ASN A 3 9.86 -5.49 3.90
CA ASN A 3 10.69 -4.86 4.94
C ASN A 3 10.08 -3.49 5.35
N ARG A 4 10.67 -2.73 6.34
CA ARG A 4 10.32 -1.38 6.77
C ARG A 4 11.15 -0.25 6.09
N GLY A 5 10.56 0.51 5.12
CA GLY A 5 11.23 1.62 4.42
C GLY A 5 11.42 1.29 2.99
N ASP A 6 11.02 0.05 2.66
CA ASP A 6 10.99 -0.61 1.40
C ASP A 6 9.95 0.02 0.51
N LYS A 7 10.35 0.41 -0.71
CA LYS A 7 9.46 0.91 -1.71
C LYS A 7 8.84 -0.28 -2.39
N VAL A 8 7.80 -0.86 -1.74
CA VAL A 8 7.20 -2.09 -2.20
C VAL A 8 6.16 -1.79 -3.25
N ARG A 9 6.09 -2.66 -4.25
CA ARG A 9 5.27 -2.44 -5.43
C ARG A 9 4.06 -3.35 -5.45
N ILE A 10 2.83 -2.81 -5.65
CA ILE A 10 1.59 -3.61 -5.78
C ILE A 10 1.42 -4.37 -7.11
N LYS A 11 1.36 -5.73 -7.12
CA LYS A 11 1.24 -6.49 -8.40
C LYS A 11 -0.17 -7.11 -8.64
N ARG A 12 -1.21 -6.36 -8.21
CA ARG A 12 -2.62 -6.66 -8.19
C ARG A 12 -3.37 -5.98 -9.33
N THR A 13 -3.66 -6.74 -10.41
CA THR A 13 -4.29 -6.35 -11.68
C THR A 13 -5.69 -5.76 -11.62
N GLU A 14 -6.49 -6.26 -10.65
CA GLU A 14 -7.87 -5.94 -10.35
C GLU A 14 -8.08 -4.59 -9.65
N SER A 15 -7.39 -3.51 -10.13
CA SER A 15 -7.47 -2.17 -9.60
C SER A 15 -6.68 -1.26 -10.55
N TYR A 16 -6.73 0.07 -10.27
CA TYR A 16 -6.05 1.18 -10.92
C TYR A 16 -4.70 1.49 -10.24
N TRP A 17 -4.32 0.60 -9.29
CA TRP A 17 -3.09 0.62 -8.50
C TRP A 17 -2.16 -0.49 -9.00
N TYR A 18 -2.48 -1.14 -10.17
CA TYR A 18 -1.74 -2.25 -10.78
C TYR A 18 -0.37 -1.84 -11.34
N GLY A 19 0.69 -2.14 -10.57
CA GLY A 19 2.07 -1.79 -10.86
C GLY A 19 2.43 -0.46 -10.28
N ASP A 20 1.97 -0.11 -9.06
CA ASP A 20 2.27 1.12 -8.39
C ASP A 20 3.17 0.82 -7.21
N VAL A 21 4.23 1.64 -7.01
CA VAL A 21 5.18 1.54 -5.91
C VAL A 21 4.81 2.51 -4.79
N GLY A 22 5.39 2.32 -3.61
CA GLY A 22 5.28 3.27 -2.52
C GLY A 22 6.01 2.71 -1.37
N THR A 23 6.08 3.44 -0.27
CA THR A 23 6.72 3.01 0.96
C THR A 23 5.74 2.23 1.82
N VAL A 24 6.24 1.08 2.23
CA VAL A 24 5.71 0.09 3.15
C VAL A 24 5.49 0.55 4.59
N ALA A 25 4.43 1.36 4.83
CA ALA A 25 4.04 1.82 6.16
C ALA A 25 3.23 0.78 6.97
N SER A 26 3.46 -0.51 6.63
CA SER A 26 3.04 -1.81 7.11
C SER A 26 3.66 -2.30 8.39
N VAL A 27 4.88 -1.82 8.74
CA VAL A 27 5.68 -2.33 9.85
C VAL A 27 5.80 -1.25 10.91
N GLU A 28 4.66 -0.67 11.30
CA GLU A 28 4.60 0.52 12.12
C GLU A 28 3.16 0.73 12.57
N LYS A 29 2.21 0.84 11.60
CA LYS A 29 0.78 1.09 11.82
C LYS A 29 -0.06 -0.15 11.49
N SER A 30 0.64 -1.28 11.25
CA SER A 30 0.31 -2.65 10.83
C SER A 30 -1.04 -3.26 11.14
N GLY A 31 -1.49 -2.96 12.38
CA GLY A 31 -2.63 -3.45 13.14
C GLY A 31 -4.01 -3.14 12.64
N ILE A 32 -4.22 -3.26 11.31
CA ILE A 32 -5.50 -3.07 10.65
C ILE A 32 -5.95 -4.37 9.99
N LEU A 33 -6.99 -4.25 9.13
CA LEU A 33 -7.70 -5.28 8.37
C LEU A 33 -6.90 -6.03 7.30
N TYR A 34 -5.94 -5.37 6.62
CA TYR A 34 -5.10 -6.04 5.62
C TYR A 34 -3.72 -5.52 5.98
N PRO A 35 -2.65 -6.33 6.09
CA PRO A 35 -1.43 -5.97 6.82
C PRO A 35 -0.57 -4.87 6.21
N VAL A 36 -0.29 -4.91 4.87
CA VAL A 36 0.60 -3.98 4.20
C VAL A 36 -0.03 -2.67 3.84
N ILE A 37 0.27 -1.60 4.62
CA ILE A 37 -0.18 -0.26 4.36
C ILE A 37 0.90 0.37 3.50
N VAL A 38 0.60 0.80 2.27
CA VAL A 38 1.58 1.46 1.41
C VAL A 38 1.20 2.93 1.28
N ARG A 39 2.26 3.77 1.18
CA ARG A 39 2.43 5.22 1.09
C ARG A 39 1.56 6.10 0.21
N PHE A 40 1.10 5.59 -0.96
CA PHE A 40 0.57 6.39 -2.07
C PHE A 40 -0.87 6.92 -2.04
N ASP A 41 -1.03 8.25 -2.30
CA ASP A 41 -2.24 9.04 -2.33
C ASP A 41 -2.93 9.05 -3.69
N ARG A 42 -2.88 7.88 -4.34
CA ARG A 42 -3.33 7.48 -5.67
C ARG A 42 -4.72 6.84 -5.59
N VAL A 43 -5.55 7.38 -4.68
CA VAL A 43 -6.92 6.98 -4.39
C VAL A 43 -7.91 7.72 -5.28
N ASN A 44 -9.20 7.77 -4.92
CA ASN A 44 -10.17 8.41 -5.81
C ASN A 44 -11.20 9.22 -5.06
N TYR A 45 -10.76 10.45 -4.75
CA TYR A 45 -11.28 11.60 -4.02
C TYR A 45 -12.75 12.05 -4.12
N ASN A 46 -13.67 11.17 -4.61
CA ASN A 46 -15.11 11.34 -4.68
C ASN A 46 -15.68 10.50 -3.54
N GLY A 47 -15.56 10.99 -2.28
CA GLY A 47 -15.93 10.25 -1.06
C GLY A 47 -17.40 9.98 -0.76
N PHE A 48 -18.33 10.59 -1.55
CA PHE A 48 -19.79 10.52 -1.39
C PHE A 48 -20.48 9.48 -2.22
N SER A 49 -19.69 8.91 -3.12
CA SER A 49 -19.99 7.80 -4.03
C SER A 49 -19.41 6.48 -3.52
N GLY A 50 -18.52 6.55 -2.50
CA GLY A 50 -17.78 5.44 -1.94
C GLY A 50 -16.60 6.04 -1.22
N SER A 51 -16.40 5.74 0.09
CA SER A 51 -15.39 6.35 0.98
C SER A 51 -13.89 6.08 0.74
N ALA A 52 -13.35 6.53 -0.45
CA ALA A 52 -11.98 6.36 -0.93
C ALA A 52 -11.06 7.56 -0.78
N SER A 53 -11.59 8.66 -0.22
CA SER A 53 -10.96 9.97 -0.04
C SER A 53 -10.10 10.12 1.21
N GLY A 54 -10.51 9.46 2.31
CA GLY A 54 -9.89 9.50 3.64
C GLY A 54 -9.07 8.28 3.94
N VAL A 55 -8.87 7.45 2.91
CA VAL A 55 -8.09 6.23 2.95
C VAL A 55 -7.13 6.36 1.82
N ASN A 56 -6.16 7.23 2.14
CA ASN A 56 -5.05 7.72 1.34
C ASN A 56 -3.77 6.91 1.53
N THR A 57 -3.81 6.03 2.56
CA THR A 57 -2.84 5.02 2.99
C THR A 57 -3.63 3.75 2.75
N ASN A 58 -3.10 2.76 1.98
CA ASN A 58 -3.92 1.62 1.52
C ASN A 58 -3.36 0.29 1.94
N ASN A 59 -4.27 -0.57 2.47
CA ASN A 59 -4.06 -1.88 3.06
C ASN A 59 -4.10 -3.05 2.08
N PHE A 60 -2.95 -3.71 1.88
CA PHE A 60 -2.81 -4.84 0.97
C PHE A 60 -2.45 -6.16 1.63
N ALA A 61 -2.48 -7.19 0.75
CA ALA A 61 -2.08 -8.56 0.94
C ALA A 61 -0.63 -8.77 0.47
N GLU A 62 0.32 -8.49 1.40
CA GLU A 62 1.76 -8.63 1.57
C GLU A 62 2.57 -9.56 0.66
N ASN A 63 1.90 -10.57 0.05
CA ASN A 63 2.33 -11.50 -0.95
C ASN A 63 2.48 -10.87 -2.35
N GLU A 64 1.55 -9.91 -2.69
CA GLU A 64 1.45 -9.23 -3.97
C GLU A 64 2.12 -7.87 -3.90
N LEU A 65 2.95 -7.67 -2.85
CA LEU A 65 3.82 -6.55 -2.62
C LEU A 65 5.27 -7.04 -2.72
N GLU A 66 5.93 -6.71 -3.85
CA GLU A 66 7.31 -7.05 -4.18
C GLU A 66 8.25 -5.92 -3.78
N LEU A 67 9.51 -6.28 -3.44
CA LEU A 67 10.60 -5.40 -3.04
C LEU A 67 11.29 -4.57 -4.13
N VAL A 68 11.63 -3.32 -3.74
CA VAL A 68 12.45 -2.36 -4.50
C VAL A 68 13.48 -1.69 -3.58
N GLN A 69 13.19 -1.54 -2.27
CA GLN A 69 14.14 -1.01 -1.28
C GLN A 69 14.49 -2.01 -0.17
N ALA A 70 15.78 -2.44 -0.17
CA ALA A 70 16.46 -3.22 0.89
C ALA A 70 16.83 -2.34 2.09
N ALA A 71 15.78 -1.70 2.66
CA ALA A 71 15.81 -0.66 3.67
C ALA A 71 16.23 -1.04 5.09
N ALA A 72 17.45 -1.59 5.23
CA ALA A 72 18.05 -2.06 6.48
C ALA A 72 18.48 -0.97 7.49
N LYS A 73 17.49 -0.33 8.14
CA LYS A 73 17.61 0.71 9.16
C LYS A 73 17.10 0.20 10.55
N ALA A 1 9.87 -10.95 3.06
CA ALA A 1 9.22 -10.00 4.03
C ALA A 1 9.83 -8.63 3.87
N LEU A 2 9.11 -7.54 4.21
CA LEU A 2 9.56 -6.19 4.00
C LEU A 2 10.09 -5.46 5.22
N ASN A 3 9.99 -4.13 5.14
CA ASN A 3 10.54 -3.11 6.01
C ASN A 3 9.58 -1.92 6.13
N ARG A 4 9.88 -0.89 6.98
CA ARG A 4 9.12 0.34 7.10
C ARG A 4 9.71 1.48 6.26
N GLY A 5 9.14 1.84 5.07
CA GLY A 5 9.65 2.99 4.28
C GLY A 5 10.12 2.57 2.94
N ASP A 6 9.90 1.28 2.66
CA ASP A 6 10.17 0.53 1.50
C ASP A 6 9.17 0.88 0.41
N LYS A 7 9.67 1.04 -0.82
CA LYS A 7 8.88 1.32 -1.99
C LYS A 7 8.57 -0.03 -2.58
N VAL A 8 7.57 -0.73 -2.00
CA VAL A 8 7.17 -2.08 -2.37
C VAL A 8 6.16 -1.92 -3.50
N ARG A 9 6.18 -2.82 -4.48
CA ARG A 9 5.38 -2.68 -5.69
C ARG A 9 4.17 -3.56 -5.71
N ILE A 10 2.93 -2.98 -5.76
CA ILE A 10 1.63 -3.68 -5.91
C ILE A 10 1.46 -4.58 -7.16
N LYS A 11 1.37 -5.93 -6.93
CA LYS A 11 1.17 -6.97 -7.93
C LYS A 11 -0.18 -7.67 -7.69
N ARG A 12 -1.26 -6.86 -7.49
CA ARG A 12 -2.65 -7.25 -7.34
C ARG A 12 -3.34 -6.84 -8.64
N THR A 13 -4.06 -7.78 -9.30
CA THR A 13 -4.74 -7.69 -10.60
C THR A 13 -5.99 -6.82 -10.57
N GLU A 14 -6.94 -7.23 -9.69
CA GLU A 14 -8.21 -6.61 -9.30
C GLU A 14 -7.95 -5.42 -8.36
N SER A 15 -7.33 -4.38 -8.95
CA SER A 15 -6.84 -3.19 -8.28
C SER A 15 -6.63 -2.17 -9.39
N TYR A 16 -6.57 -0.88 -9.01
CA TYR A 16 -6.32 0.28 -9.86
C TYR A 16 -4.82 0.62 -9.88
N TRP A 17 -4.03 -0.16 -9.09
CA TRP A 17 -2.63 0.04 -8.81
C TRP A 17 -1.80 -1.14 -9.27
N TYR A 18 -2.26 -1.96 -10.27
CA TYR A 18 -1.55 -3.13 -10.82
C TYR A 18 -0.31 -2.73 -11.64
N GLY A 19 0.90 -2.86 -11.00
CA GLY A 19 2.18 -2.48 -11.56
C GLY A 19 2.64 -1.15 -11.06
N ASP A 20 2.02 -0.61 -9.97
CA ASP A 20 2.38 0.63 -9.33
C ASP A 20 2.92 0.36 -7.94
N VAL A 21 3.77 1.28 -7.45
CA VAL A 21 4.49 1.22 -6.18
C VAL A 21 3.74 1.88 -5.02
N GLY A 22 4.38 1.92 -3.85
CA GLY A 22 3.93 2.74 -2.75
C GLY A 22 4.82 2.53 -1.59
N THR A 23 4.57 3.29 -0.50
CA THR A 23 5.33 3.23 0.73
C THR A 23 4.59 2.44 1.76
N VAL A 24 5.22 1.36 2.24
CA VAL A 24 4.70 0.48 3.25
C VAL A 24 4.78 1.07 4.65
N ALA A 25 3.71 1.82 5.03
CA ALA A 25 3.45 2.34 6.36
C ALA A 25 2.68 1.32 7.22
N SER A 26 3.12 0.05 7.13
CA SER A 26 2.66 -1.17 7.75
C SER A 26 3.13 -1.36 9.14
N VAL A 27 4.45 -1.69 9.24
CA VAL A 27 5.13 -2.31 10.36
C VAL A 27 5.52 -1.32 11.45
N GLU A 28 4.45 -0.63 11.87
CA GLU A 28 4.31 0.33 12.91
C GLU A 28 3.19 -0.24 13.76
N LYS A 29 1.93 -0.21 13.27
CA LYS A 29 0.74 -0.72 13.93
C LYS A 29 0.17 -1.94 13.23
N SER A 30 0.50 -2.25 11.94
CA SER A 30 -0.06 -3.35 11.18
C SER A 30 0.72 -4.62 11.27
N GLY A 31 1.06 -4.93 12.53
CA GLY A 31 1.51 -6.16 13.13
C GLY A 31 0.34 -7.05 13.50
N ILE A 32 -0.56 -7.27 12.52
CA ILE A 32 -1.81 -8.00 12.54
C ILE A 32 -1.81 -9.00 11.40
N LEU A 33 -3.03 -9.56 11.11
CA LEU A 33 -3.40 -10.57 10.12
C LEU A 33 -3.17 -10.22 8.64
N TYR A 34 -3.40 -8.95 8.24
CA TYR A 34 -3.06 -8.47 6.88
C TYR A 34 -1.96 -7.44 7.20
N PRO A 35 -0.70 -7.63 6.78
CA PRO A 35 0.40 -6.79 7.22
C PRO A 35 0.56 -5.46 6.50
N VAL A 36 0.68 -5.43 5.14
CA VAL A 36 1.12 -4.29 4.33
C VAL A 36 0.16 -3.12 4.09
N ILE A 37 0.24 -2.02 4.90
CA ILE A 37 -0.49 -0.75 4.71
C ILE A 37 0.40 0.07 3.79
N VAL A 38 -0.06 0.47 2.59
CA VAL A 38 0.82 1.13 1.62
C VAL A 38 0.29 2.48 1.21
N ARG A 39 1.15 3.33 0.58
CA ARG A 39 0.88 4.63 -0.01
C ARG A 39 0.35 4.56 -1.45
N PHE A 40 -0.60 5.45 -1.81
CA PHE A 40 -1.07 5.59 -3.18
C PHE A 40 -1.23 7.04 -3.57
N ASP A 41 -0.63 7.44 -4.72
CA ASP A 41 -0.76 8.74 -5.38
C ASP A 41 -1.94 8.75 -6.37
N ARG A 42 -2.11 7.60 -7.11
CA ARG A 42 -3.11 7.30 -8.11
C ARG A 42 -4.46 6.94 -7.51
N VAL A 43 -5.04 7.90 -6.75
CA VAL A 43 -6.38 7.88 -6.17
C VAL A 43 -7.25 8.66 -7.16
N ASN A 44 -8.58 8.47 -7.14
CA ASN A 44 -9.58 9.08 -8.00
C ASN A 44 -9.96 10.50 -7.55
N TYR A 45 -9.90 10.77 -6.22
CA TYR A 45 -10.11 12.07 -5.57
C TYR A 45 -11.51 12.69 -5.67
N ASN A 46 -12.60 11.90 -5.47
CA ASN A 46 -13.99 12.34 -5.50
C ASN A 46 -14.51 12.60 -4.09
N GLY A 47 -13.81 13.42 -3.26
CA GLY A 47 -14.09 13.59 -1.83
C GLY A 47 -15.18 14.58 -1.48
N PHE A 48 -16.45 14.19 -1.79
CA PHE A 48 -17.68 14.93 -1.53
C PHE A 48 -18.28 14.46 -0.19
N SER A 49 -19.51 14.92 0.15
CA SER A 49 -20.40 14.72 1.33
C SER A 49 -20.54 13.34 2.03
N GLY A 50 -19.59 12.41 1.78
CA GLY A 50 -19.46 11.08 2.32
C GLY A 50 -18.00 10.74 2.46
N SER A 51 -17.30 10.44 1.32
CA SER A 51 -15.87 10.14 1.33
C SER A 51 -15.33 10.31 -0.09
N ALA A 52 -14.04 9.95 -0.30
CA ALA A 52 -13.17 10.03 -1.48
C ALA A 52 -13.37 8.99 -2.56
N SER A 53 -14.13 7.92 -2.23
CA SER A 53 -14.55 6.80 -3.07
C SER A 53 -13.50 5.74 -3.38
N GLY A 54 -12.20 6.13 -3.30
CA GLY A 54 -11.05 5.25 -3.28
C GLY A 54 -10.37 5.27 -1.92
N VAL A 55 -9.21 4.58 -1.81
CA VAL A 55 -8.39 4.48 -0.59
C VAL A 55 -7.01 5.09 -0.88
N ASN A 56 -6.36 5.68 0.16
CA ASN A 56 -5.04 6.33 0.17
C ASN A 56 -3.99 5.41 0.77
N THR A 57 -4.41 4.78 1.90
CA THR A 57 -3.68 3.81 2.69
C THR A 57 -4.47 2.53 2.62
N ASN A 58 -3.99 1.56 1.82
CA ASN A 58 -4.65 0.28 1.57
C ASN A 58 -3.83 -0.79 2.25
N ASN A 59 -4.53 -1.76 2.89
CA ASN A 59 -3.90 -2.86 3.62
C ASN A 59 -3.90 -4.12 2.75
N PHE A 60 -2.71 -4.57 2.32
CA PHE A 60 -2.54 -5.70 1.42
C PHE A 60 -2.06 -6.98 2.07
N ALA A 61 -2.07 -8.02 1.22
CA ALA A 61 -1.57 -9.33 1.47
C ALA A 61 -0.23 -9.50 0.80
N GLU A 62 0.87 -9.24 1.56
CA GLU A 62 2.33 -9.41 1.37
C GLU A 62 2.89 -10.14 0.16
N ASN A 63 2.18 -11.23 -0.26
CA ASN A 63 2.25 -12.05 -1.47
C ASN A 63 2.35 -11.22 -2.76
N GLU A 64 1.47 -10.19 -2.82
CA GLU A 64 1.30 -9.29 -3.94
C GLU A 64 2.20 -8.08 -3.85
N LEU A 65 3.06 -7.96 -2.80
CA LEU A 65 4.00 -6.88 -2.55
C LEU A 65 5.48 -7.31 -2.59
N GLU A 66 6.19 -6.87 -3.67
CA GLU A 66 7.63 -7.07 -3.87
C GLU A 66 8.42 -5.79 -3.67
N LEU A 67 9.63 -5.90 -3.08
CA LEU A 67 10.61 -4.86 -2.74
C LEU A 67 11.29 -4.05 -3.87
N VAL A 68 11.57 -2.75 -3.56
CA VAL A 68 12.33 -1.78 -4.40
C VAL A 68 13.19 -0.84 -3.54
N GLN A 69 12.77 -0.52 -2.28
CA GLN A 69 13.52 0.33 -1.35
C GLN A 69 13.98 -0.44 -0.14
N ALA A 70 15.31 -0.53 0.00
CA ALA A 70 16.07 -1.11 1.11
C ALA A 70 16.10 -0.20 2.35
N ALA A 71 14.88 0.08 2.87
CA ALA A 71 14.54 0.92 4.01
C ALA A 71 14.74 0.23 5.35
N ALA A 72 16.00 -0.21 5.60
CA ALA A 72 16.48 -0.95 6.76
C ALA A 72 16.61 -0.13 8.05
N LYS A 73 15.45 0.07 8.69
CA LYS A 73 15.31 0.74 9.97
C LYS A 73 14.86 -0.34 10.97
N ALA A 1 8.31 -11.84 -0.75
CA ALA A 1 7.58 -11.00 0.27
C ALA A 1 8.45 -9.81 0.63
N LEU A 2 7.89 -8.72 1.21
CA LEU A 2 8.61 -7.50 1.50
C LEU A 2 9.18 -7.31 2.90
N ASN A 3 9.57 -6.06 3.18
CA ASN A 3 10.21 -5.58 4.39
C ASN A 3 9.60 -4.25 4.88
N ARG A 4 10.24 -3.59 5.87
CA ARG A 4 9.89 -2.29 6.43
C ARG A 4 10.65 -1.11 5.83
N GLY A 5 9.94 -0.25 5.05
CA GLY A 5 10.46 1.07 4.67
C GLY A 5 10.58 1.22 3.20
N ASP A 6 10.20 0.11 2.53
CA ASP A 6 10.21 -0.22 1.16
C ASP A 6 9.15 0.49 0.36
N LYS A 7 9.57 0.95 -0.84
CA LYS A 7 8.72 1.51 -1.86
C LYS A 7 8.25 0.34 -2.71
N VAL A 8 7.24 -0.39 -2.15
CA VAL A 8 6.55 -1.53 -2.73
C VAL A 8 5.41 -0.96 -3.54
N ARG A 9 5.13 -1.50 -4.73
CA ARG A 9 4.17 -0.90 -5.64
C ARG A 9 2.87 -1.66 -5.69
N ILE A 10 1.74 -1.07 -5.22
CA ILE A 10 0.37 -1.64 -5.25
C ILE A 10 -0.17 -2.13 -6.63
N LYS A 11 -0.56 -3.44 -6.75
CA LYS A 11 -1.05 -4.07 -7.98
C LYS A 11 -2.47 -4.68 -7.84
N ARG A 12 -3.42 -3.88 -7.28
CA ARG A 12 -4.82 -4.18 -7.07
C ARG A 12 -5.67 -3.46 -8.12
N THR A 13 -6.30 -4.25 -9.06
CA THR A 13 -7.10 -3.91 -10.23
C THR A 13 -8.26 -2.91 -10.10
N GLU A 14 -9.24 -3.23 -9.23
CA GLU A 14 -10.45 -2.47 -8.92
C GLU A 14 -10.18 -1.47 -7.81
N SER A 15 -9.30 -0.48 -8.10
CA SER A 15 -8.83 0.53 -7.16
C SER A 15 -8.62 1.86 -7.85
N TYR A 16 -8.42 2.91 -7.01
CA TYR A 16 -7.92 4.21 -7.41
C TYR A 16 -6.40 4.28 -7.19
N TRP A 17 -5.78 3.20 -6.66
CA TRP A 17 -4.37 3.07 -6.38
C TRP A 17 -3.76 1.94 -7.20
N TYR A 18 -4.38 1.55 -8.35
CA TYR A 18 -3.88 0.54 -9.30
C TYR A 18 -2.71 1.07 -10.15
N GLY A 19 -1.45 0.78 -9.69
CA GLY A 19 -0.20 1.21 -10.31
C GLY A 19 0.36 2.38 -9.56
N ASP A 20 0.17 2.41 -8.21
CA ASP A 20 0.65 3.42 -7.30
C ASP A 20 1.73 2.82 -6.43
N VAL A 21 2.71 3.60 -5.91
CA VAL A 21 3.79 3.12 -5.05
C VAL A 21 3.58 3.67 -3.65
N GLY A 22 4.35 3.21 -2.65
CA GLY A 22 4.23 3.80 -1.33
C GLY A 22 5.09 3.06 -0.38
N THR A 23 5.14 3.56 0.87
CA THR A 23 5.94 3.03 1.96
C THR A 23 5.14 2.08 2.79
N VAL A 24 5.61 0.83 2.87
CA VAL A 24 5.06 -0.20 3.73
C VAL A 24 5.46 -0.02 5.19
N ALA A 25 4.53 0.51 5.97
CA ALA A 25 4.62 0.65 7.42
C ALA A 25 4.05 -0.56 8.21
N SER A 26 4.41 -1.80 7.80
CA SER A 26 4.02 -3.11 8.32
C SER A 26 4.64 -3.49 9.65
N VAL A 27 5.86 -4.07 9.62
CA VAL A 27 6.60 -4.72 10.72
C VAL A 27 7.30 -3.70 11.64
N GLU A 28 6.40 -2.88 12.20
CA GLU A 28 6.62 -1.71 13.02
C GLU A 28 5.31 -1.45 13.76
N LYS A 29 4.22 -1.13 13.01
CA LYS A 29 2.88 -0.84 13.50
C LYS A 29 1.88 -1.96 13.41
N SER A 30 2.13 -3.03 12.58
CA SER A 30 1.34 -4.23 12.14
C SER A 30 0.22 -4.86 12.96
N GLY A 31 -0.07 -4.31 14.14
CA GLY A 31 -1.05 -4.63 15.15
C GLY A 31 -2.48 -4.23 14.83
N ILE A 32 -2.87 -4.47 13.57
CA ILE A 32 -4.15 -4.17 12.96
C ILE A 32 -4.58 -5.44 12.26
N LEU A 33 -5.65 -5.35 11.43
CA LEU A 33 -6.27 -6.43 10.67
C LEU A 33 -5.47 -7.05 9.52
N TYR A 34 -4.80 -6.23 8.65
CA TYR A 34 -4.06 -6.75 7.48
C TYR A 34 -2.62 -6.25 7.65
N PRO A 35 -1.59 -6.89 7.02
CA PRO A 35 -0.18 -6.65 7.33
C PRO A 35 0.42 -5.39 6.71
N VAL A 36 0.21 -5.12 5.40
CA VAL A 36 0.90 -4.06 4.68
C VAL A 36 0.15 -2.75 4.73
N ILE A 37 0.56 -1.86 5.66
CA ILE A 37 0.06 -0.52 5.90
C ILE A 37 0.86 0.35 4.97
N VAL A 38 0.30 0.85 3.84
CA VAL A 38 1.12 1.60 2.88
C VAL A 38 0.82 3.09 2.95
N ARG A 39 1.82 3.90 2.51
CA ARG A 39 1.79 5.34 2.31
C ARG A 39 1.15 5.68 0.97
N PHE A 40 0.21 6.62 0.97
CA PHE A 40 -0.46 7.07 -0.25
C PHE A 40 -0.42 8.59 -0.35
N ASP A 41 -0.40 9.12 -1.60
CA ASP A 41 -0.50 10.53 -1.93
C ASP A 41 -1.95 10.89 -2.26
N ARG A 42 -2.62 10.08 -3.14
CA ARG A 42 -3.98 10.28 -3.61
C ARG A 42 -5.06 9.76 -2.67
N VAL A 43 -5.43 10.63 -1.70
CA VAL A 43 -6.47 10.45 -0.70
C VAL A 43 -7.84 10.92 -1.20
N ASN A 44 -8.50 10.01 -1.97
CA ASN A 44 -9.84 10.03 -2.57
C ASN A 44 -10.35 11.25 -3.31
N TYR A 45 -9.82 11.44 -4.53
CA TYR A 45 -10.11 12.59 -5.39
C TYR A 45 -11.16 12.21 -6.44
N ASN A 46 -10.86 11.21 -7.29
CA ASN A 46 -11.76 10.61 -8.27
C ASN A 46 -12.24 9.30 -7.71
N GLY A 47 -13.46 8.86 -8.10
CA GLY A 47 -13.92 7.51 -7.82
C GLY A 47 -13.77 6.62 -9.03
N PHE A 48 -13.76 5.30 -8.76
CA PHE A 48 -13.67 4.18 -9.68
C PHE A 48 -14.74 3.16 -9.28
N SER A 49 -14.69 1.94 -9.89
CA SER A 49 -15.59 0.77 -9.82
C SER A 49 -15.97 0.15 -8.47
N GLY A 50 -15.33 0.58 -7.37
CA GLY A 50 -15.65 0.14 -6.02
C GLY A 50 -15.16 1.22 -5.12
N SER A 51 -15.43 2.49 -5.52
CA SER A 51 -15.02 3.74 -4.91
C SER A 51 -13.58 4.18 -5.25
N ALA A 52 -13.08 5.21 -4.53
CA ALA A 52 -11.72 5.70 -4.58
C ALA A 52 -10.81 5.03 -3.56
N SER A 53 -11.37 4.30 -2.56
CA SER A 53 -10.72 3.56 -1.48
C SER A 53 -9.94 4.31 -0.39
N GLY A 54 -9.41 5.48 -0.81
CA GLY A 54 -8.52 6.51 -0.24
C GLY A 54 -8.46 6.83 1.24
N VAL A 55 -7.23 6.70 1.80
CA VAL A 55 -6.85 6.96 3.18
C VAL A 55 -5.36 7.30 2.98
N ASN A 56 -4.64 7.85 3.98
CA ASN A 56 -3.20 8.17 3.97
C ASN A 56 -2.32 6.94 4.24
N THR A 57 -2.76 6.14 5.24
CA THR A 57 -2.19 4.89 5.73
C THR A 57 -3.32 3.90 5.67
N ASN A 58 -3.15 2.79 4.92
CA ASN A 58 -4.20 1.78 4.70
C ASN A 58 -3.56 0.42 4.48
N ASN A 59 -4.27 -0.61 5.00
CA ASN A 59 -3.94 -2.02 5.10
C ASN A 59 -4.15 -2.95 3.90
N PHE A 60 -3.07 -3.38 3.22
CA PHE A 60 -3.10 -4.34 2.13
C PHE A 60 -2.49 -5.69 2.48
N ALA A 61 -2.60 -6.62 1.50
CA ALA A 61 -2.05 -7.94 1.55
C ALA A 61 -0.96 -8.09 0.51
N GLU A 62 0.29 -8.30 1.00
CA GLU A 62 1.61 -8.62 0.44
C GLU A 62 1.70 -9.14 -0.98
N ASN A 63 0.72 -10.01 -1.39
CA ASN A 63 0.38 -10.53 -2.70
C ASN A 63 0.27 -9.46 -3.78
N GLU A 64 -0.51 -8.38 -3.45
CA GLU A 64 -0.87 -7.33 -4.37
C GLU A 64 0.06 -6.16 -4.30
N LEU A 65 1.25 -6.32 -3.72
CA LEU A 65 2.29 -5.30 -3.70
C LEU A 65 3.53 -5.88 -4.38
N GLU A 66 4.23 -5.11 -5.24
CA GLU A 66 5.47 -5.52 -5.90
C GLU A 66 6.67 -4.77 -5.37
N LEU A 67 7.74 -5.47 -4.91
CA LEU A 67 9.02 -4.96 -4.42
C LEU A 67 9.92 -4.23 -5.40
N VAL A 68 10.55 -3.12 -4.93
CA VAL A 68 11.48 -2.27 -5.66
C VAL A 68 12.69 -1.95 -4.80
N GLN A 69 12.37 -1.64 -3.52
CA GLN A 69 13.22 -1.08 -2.51
C GLN A 69 13.68 -1.99 -1.41
N ALA A 70 14.99 -2.22 -1.42
CA ALA A 70 15.74 -2.91 -0.37
C ALA A 70 16.07 -1.99 0.83
N ALA A 71 15.02 -1.56 1.62
CA ALA A 71 15.11 -0.66 2.78
C ALA A 71 15.81 -1.18 4.04
N ALA A 72 17.05 -1.66 3.86
CA ALA A 72 17.95 -2.18 4.89
C ALA A 72 18.81 -1.07 5.50
N LYS A 73 18.86 -1.02 6.84
CA LYS A 73 19.62 -0.07 7.63
C LYS A 73 20.78 -0.80 8.37
N ALA A 1 10.98 -10.81 4.20
CA ALA A 1 10.12 -9.69 3.76
C ALA A 1 10.90 -8.42 3.86
N LEU A 2 10.26 -7.28 3.54
CA LEU A 2 10.79 -5.94 3.60
C LEU A 2 10.77 -5.28 4.99
N ASN A 3 10.96 -3.95 4.97
CA ASN A 3 11.09 -3.04 6.09
C ASN A 3 10.35 -1.74 5.79
N ARG A 4 10.61 -0.69 6.60
CA ARG A 4 9.97 0.60 6.62
C ARG A 4 10.50 1.66 5.65
N GLY A 5 9.76 1.95 4.54
CA GLY A 5 10.06 3.01 3.59
C GLY A 5 10.46 2.46 2.28
N ASP A 6 10.66 1.13 2.25
CA ASP A 6 11.09 0.21 1.24
C ASP A 6 10.11 -0.06 0.12
N LYS A 7 9.46 1.04 -0.34
CA LYS A 7 8.40 1.24 -1.34
C LYS A 7 7.97 0.03 -2.13
N VAL A 8 6.92 -0.73 -1.73
CA VAL A 8 6.62 -1.98 -2.43
C VAL A 8 5.61 -1.76 -3.54
N ARG A 9 5.61 -2.63 -4.58
CA ARG A 9 4.74 -2.49 -5.74
C ARG A 9 3.58 -3.47 -5.68
N ILE A 10 2.34 -2.95 -5.44
CA ILE A 10 1.02 -3.62 -5.44
C ILE A 10 0.67 -4.32 -6.76
N LYS A 11 0.79 -5.69 -6.78
CA LYS A 11 0.66 -6.51 -7.98
C LYS A 11 -0.47 -7.51 -7.79
N ARG A 12 -1.68 -7.00 -7.40
CA ARG A 12 -2.91 -7.74 -7.11
C ARG A 12 -3.69 -8.37 -8.27
N THR A 13 -4.93 -7.86 -8.50
CA THR A 13 -5.91 -8.34 -9.46
C THR A 13 -6.95 -7.27 -9.40
N GLU A 14 -7.55 -6.94 -10.59
CA GLU A 14 -8.52 -5.90 -10.99
C GLU A 14 -9.15 -5.00 -9.92
N SER A 15 -8.27 -4.13 -9.38
CA SER A 15 -8.45 -3.18 -8.30
C SER A 15 -7.70 -1.95 -8.78
N TYR A 16 -8.07 -0.72 -8.30
CA TYR A 16 -7.57 0.63 -8.64
C TYR A 16 -6.08 0.92 -8.36
N TRP A 17 -5.44 -0.01 -7.62
CA TRP A 17 -4.08 0.00 -7.15
C TRP A 17 -3.22 -1.10 -7.78
N TYR A 18 -3.79 -2.00 -8.65
CA TYR A 18 -3.10 -3.12 -9.32
C TYR A 18 -2.33 -2.61 -10.55
N GLY A 19 -1.05 -2.21 -10.26
CA GLY A 19 -0.11 -1.60 -11.18
C GLY A 19 0.67 -0.50 -10.51
N ASP A 20 0.28 -0.04 -9.28
CA ASP A 20 0.91 1.06 -8.57
C ASP A 20 1.92 0.62 -7.51
N VAL A 21 2.80 1.58 -7.06
CA VAL A 21 3.75 1.45 -5.95
C VAL A 21 3.19 2.21 -4.75
N GLY A 22 3.80 2.03 -3.56
CA GLY A 22 3.46 2.87 -2.43
C GLY A 22 4.46 2.65 -1.36
N THR A 23 4.28 3.35 -0.23
CA THR A 23 5.11 3.27 0.94
C THR A 23 4.57 2.28 1.96
N VAL A 24 5.37 1.26 2.27
CA VAL A 24 5.22 0.20 3.24
C VAL A 24 5.29 0.71 4.70
N ALA A 25 4.23 1.45 5.11
CA ALA A 25 4.01 2.05 6.43
C ALA A 25 3.33 1.04 7.35
N SER A 26 3.91 -0.17 7.27
CA SER A 26 3.61 -1.48 7.77
C SER A 26 4.11 -1.87 9.09
N VAL A 27 5.45 -1.92 9.31
CA VAL A 27 6.10 -2.71 10.36
C VAL A 27 6.09 -2.14 11.78
N GLU A 28 5.16 -1.19 11.93
CA GLU A 28 4.73 -0.36 13.01
C GLU A 28 3.33 -0.80 13.48
N LYS A 29 2.38 -0.95 12.51
CA LYS A 29 0.99 -1.32 12.67
C LYS A 29 0.70 -2.78 12.29
N SER A 30 1.67 -3.48 11.62
CA SER A 30 1.73 -4.88 11.11
C SER A 30 1.22 -5.99 12.04
N GLY A 31 1.10 -5.71 13.36
CA GLY A 31 0.56 -6.52 14.45
C GLY A 31 -0.94 -6.80 14.42
N ILE A 32 -1.44 -7.18 13.22
CA ILE A 32 -2.82 -7.54 12.86
C ILE A 32 -2.86 -8.80 11.99
N LEU A 33 -4.00 -8.94 11.26
CA LEU A 33 -4.49 -9.97 10.35
C LEU A 33 -3.78 -10.13 8.99
N TYR A 34 -3.11 -9.06 8.50
CA TYR A 34 -2.36 -9.02 7.24
C TYR A 34 -1.01 -8.36 7.56
N PRO A 35 0.11 -8.61 6.84
CA PRO A 35 1.44 -8.09 7.18
C PRO A 35 1.81 -6.66 6.72
N VAL A 36 1.52 -6.28 5.45
CA VAL A 36 2.05 -5.06 4.83
C VAL A 36 1.03 -3.95 4.61
N ILE A 37 1.06 -2.85 5.42
CA ILE A 37 0.24 -1.64 5.25
C ILE A 37 0.98 -0.73 4.29
N VAL A 38 0.39 -0.42 3.13
CA VAL A 38 1.01 0.44 2.11
C VAL A 38 0.24 1.74 1.91
N ARG A 39 0.97 2.78 1.41
CA ARG A 39 0.54 4.10 0.97
C ARG A 39 -0.13 4.08 -0.38
N PHE A 40 -1.20 4.87 -0.52
CA PHE A 40 -2.07 5.06 -1.67
C PHE A 40 -2.51 6.50 -1.68
N ASP A 41 -1.95 7.22 -2.67
CA ASP A 41 -2.08 8.63 -2.95
C ASP A 41 -2.99 8.95 -4.14
N ARG A 42 -3.39 7.91 -4.94
CA ARG A 42 -4.19 8.02 -6.17
C ARG A 42 -5.68 7.84 -5.93
N VAL A 43 -6.09 7.82 -4.65
CA VAL A 43 -7.46 7.69 -4.13
C VAL A 43 -8.24 8.99 -4.32
N ASN A 44 -9.59 8.87 -4.49
CA ASN A 44 -10.60 9.87 -4.82
C ASN A 44 -10.93 10.87 -3.73
N TYR A 45 -9.85 11.38 -3.09
CA TYR A 45 -9.63 12.29 -1.95
C TYR A 45 -10.57 13.48 -1.81
N ASN A 46 -10.88 14.17 -2.93
CA ASN A 46 -11.77 15.32 -2.94
C ASN A 46 -13.13 14.87 -3.44
N GLY A 47 -14.23 15.31 -2.77
CA GLY A 47 -15.65 15.00 -3.05
C GLY A 47 -16.27 15.84 -4.14
N PHE A 48 -15.44 16.12 -5.17
CA PHE A 48 -15.73 16.88 -6.37
C PHE A 48 -15.16 16.11 -7.55
N SER A 49 -14.99 14.82 -7.27
CA SER A 49 -14.56 13.74 -8.16
C SER A 49 -15.76 12.92 -8.59
N GLY A 50 -15.98 11.80 -7.85
CA GLY A 50 -17.09 10.86 -7.99
C GLY A 50 -17.78 10.70 -6.67
N SER A 51 -17.02 10.24 -5.64
CA SER A 51 -17.45 10.07 -4.26
C SER A 51 -16.14 9.90 -3.53
N ALA A 52 -16.02 10.37 -2.26
CA ALA A 52 -14.82 10.28 -1.42
C ALA A 52 -14.80 9.01 -0.55
N SER A 53 -15.41 7.95 -1.11
CA SER A 53 -15.64 6.60 -0.60
C SER A 53 -14.48 5.66 -0.85
N GLY A 54 -13.25 6.09 -0.48
CA GLY A 54 -12.02 5.33 -0.55
C GLY A 54 -11.43 5.09 0.81
N VAL A 55 -10.46 4.13 0.88
CA VAL A 55 -9.65 3.81 2.06
C VAL A 55 -8.26 4.38 1.75
N ASN A 56 -7.45 4.73 2.77
CA ASN A 56 -6.16 5.39 2.64
C ASN A 56 -4.97 4.44 2.68
N THR A 57 -4.58 3.93 3.89
CA THR A 57 -3.53 2.94 4.09
C THR A 57 -4.16 1.64 4.50
N ASN A 58 -4.13 0.67 3.57
CA ASN A 58 -4.68 -0.67 3.73
C ASN A 58 -3.55 -1.69 3.76
N ASN A 59 -3.79 -2.76 4.55
CA ASN A 59 -2.93 -3.87 4.88
C ASN A 59 -3.07 -5.01 3.87
N PHE A 60 -2.01 -5.29 3.10
CA PHE A 60 -1.97 -6.28 2.04
C PHE A 60 -1.19 -7.52 2.40
N ALA A 61 -1.27 -8.46 1.43
CA ALA A 61 -0.68 -9.76 1.34
C ALA A 61 0.53 -9.75 0.42
N GLU A 62 1.71 -9.46 1.00
CA GLU A 62 3.11 -9.44 0.60
C GLU A 62 3.59 -10.35 -0.55
N ASN A 63 2.82 -11.41 -0.91
CA ASN A 63 2.92 -12.26 -2.07
C ASN A 63 2.76 -11.49 -3.39
N GLU A 64 1.90 -10.41 -3.32
CA GLU A 64 1.61 -9.51 -4.41
C GLU A 64 2.36 -8.20 -4.22
N LEU A 65 3.43 -8.17 -3.38
CA LEU A 65 4.27 -7.01 -3.16
C LEU A 65 5.75 -7.32 -3.35
N GLU A 66 6.34 -6.62 -4.32
CA GLU A 66 7.76 -6.69 -4.68
C GLU A 66 8.42 -5.36 -4.32
N LEU A 67 9.63 -5.43 -3.68
CA LEU A 67 10.58 -4.40 -3.26
C LEU A 67 11.06 -3.38 -4.31
N VAL A 68 11.10 -2.04 -4.00
CA VAL A 68 11.58 -1.00 -4.95
C VAL A 68 12.58 0.01 -4.35
N GLN A 69 12.48 0.36 -3.05
CA GLN A 69 13.36 1.30 -2.39
C GLN A 69 14.20 0.58 -1.37
N ALA A 70 15.48 0.96 -1.30
CA ALA A 70 16.48 0.50 -0.33
C ALA A 70 16.41 1.22 1.01
N ALA A 71 15.29 1.05 1.76
CA ALA A 71 15.09 1.60 3.10
C ALA A 71 15.43 0.55 4.16
N ALA A 72 16.74 0.22 4.24
CA ALA A 72 17.32 -0.69 5.21
C ALA A 72 17.80 0.08 6.43
N LYS A 73 16.81 0.69 7.14
CA LYS A 73 16.95 1.42 8.37
C LYS A 73 16.21 0.62 9.47
N ALA A 1 9.42 -11.65 3.00
CA ALA A 1 9.54 -10.50 3.95
C ALA A 1 10.20 -9.30 3.30
N LEU A 2 9.65 -8.08 3.51
CA LEU A 2 10.16 -6.79 3.06
C LEU A 2 10.82 -6.02 4.18
N ASN A 3 10.58 -4.71 4.17
CA ASN A 3 11.10 -3.75 5.12
C ASN A 3 10.15 -2.63 5.44
N ARG A 4 10.59 -1.83 6.43
CA ARG A 4 9.96 -0.62 6.94
C ARG A 4 10.51 0.66 6.29
N GLY A 5 9.83 1.15 5.22
CA GLY A 5 10.21 2.39 4.55
C GLY A 5 10.50 2.18 3.12
N ASP A 6 10.29 0.92 2.66
CA ASP A 6 10.44 0.37 1.36
C ASP A 6 9.41 0.89 0.37
N LYS A 7 9.85 1.06 -0.87
CA LYS A 7 9.02 1.37 -2.01
C LYS A 7 8.72 0.04 -2.64
N VAL A 8 7.68 -0.67 -2.11
CA VAL A 8 7.25 -1.96 -2.59
C VAL A 8 6.21 -1.73 -3.67
N ARG A 9 6.15 -2.54 -4.74
CA ARG A 9 5.24 -2.31 -5.85
C ARG A 9 4.06 -3.26 -5.79
N ILE A 10 2.79 -2.76 -5.75
CA ILE A 10 1.54 -3.54 -5.74
C ILE A 10 1.26 -4.28 -7.06
N LYS A 11 1.14 -5.62 -6.98
CA LYS A 11 0.95 -6.56 -8.06
C LYS A 11 -0.26 -7.44 -7.80
N ARG A 12 -1.46 -6.85 -7.52
CA ARG A 12 -2.73 -7.59 -7.41
C ARG A 12 -3.45 -7.62 -8.77
N THR A 13 -4.79 -7.44 -8.88
CA THR A 13 -5.43 -7.35 -10.20
C THR A 13 -6.68 -6.54 -10.08
N GLU A 14 -7.68 -6.97 -9.26
CA GLU A 14 -8.95 -6.30 -9.05
C GLU A 14 -8.87 -5.04 -8.17
N SER A 15 -8.20 -3.96 -8.67
CA SER A 15 -7.99 -2.70 -7.97
C SER A 15 -7.61 -1.58 -8.93
N TYR A 16 -7.82 -0.33 -8.45
CA TYR A 16 -7.49 0.98 -9.02
C TYR A 16 -5.99 1.28 -8.81
N TRP A 17 -5.40 0.67 -7.74
CA TRP A 17 -4.00 0.72 -7.30
C TRP A 17 -3.15 -0.44 -7.85
N TYR A 18 -3.65 -1.12 -8.93
CA TYR A 18 -2.97 -2.16 -9.68
C TYR A 18 -1.90 -1.49 -10.57
N GLY A 19 -0.63 -1.77 -10.21
CA GLY A 19 0.62 -1.32 -10.80
C GLY A 19 1.19 -0.11 -10.13
N ASP A 20 1.03 0.05 -8.80
CA ASP A 20 1.50 1.20 -8.05
C ASP A 20 2.75 0.90 -7.22
N VAL A 21 3.47 1.95 -6.76
CA VAL A 21 4.63 1.89 -5.88
C VAL A 21 4.27 2.71 -4.67
N GLY A 22 4.80 2.37 -3.49
CA GLY A 22 4.57 3.24 -2.35
C GLY A 22 5.30 2.75 -1.18
N THR A 23 5.19 3.51 -0.07
CA THR A 23 5.85 3.25 1.19
C THR A 23 5.04 2.38 2.11
N VAL A 24 5.63 1.23 2.48
CA VAL A 24 5.12 0.26 3.42
C VAL A 24 5.33 0.73 4.86
N ALA A 25 4.31 1.43 5.38
CA ALA A 25 4.24 1.95 6.73
C ALA A 25 3.66 0.92 7.69
N SER A 26 4.27 -0.28 7.68
CA SER A 26 3.92 -1.51 8.37
C SER A 26 4.45 -1.69 9.74
N VAL A 27 5.79 -1.70 9.94
CA VAL A 27 6.43 -2.19 11.15
C VAL A 27 6.49 -1.15 12.26
N GLU A 28 5.24 -0.83 12.60
CA GLU A 28 4.72 0.10 13.52
C GLU A 28 3.42 -0.54 14.03
N LYS A 29 2.41 -0.67 13.13
CA LYS A 29 1.08 -1.21 13.36
C LYS A 29 0.81 -2.57 12.70
N SER A 30 1.82 -3.23 12.05
CA SER A 30 1.80 -4.53 11.33
C SER A 30 1.21 -5.73 12.03
N GLY A 31 1.10 -5.68 13.37
CA GLY A 31 0.61 -6.67 14.32
C GLY A 31 -0.88 -6.96 14.29
N ILE A 32 -1.42 -7.09 13.06
CA ILE A 32 -2.82 -7.36 12.70
C ILE A 32 -2.87 -8.48 11.64
N LEU A 33 -4.06 -8.61 11.02
CA LEU A 33 -4.53 -9.56 9.99
C LEU A 33 -3.93 -9.41 8.59
N TYR A 34 -3.41 -8.21 8.23
CA TYR A 34 -2.74 -7.95 6.95
C TYR A 34 -1.49 -7.12 7.31
N PRO A 35 -0.27 -7.48 6.88
CA PRO A 35 0.99 -6.85 7.31
C PRO A 35 1.40 -5.56 6.58
N VAL A 36 1.26 -5.49 5.23
CA VAL A 36 1.80 -4.47 4.33
C VAL A 36 0.91 -3.23 4.22
N ILE A 37 1.27 -2.11 4.93
CA ILE A 37 0.48 -0.87 4.99
C ILE A 37 1.11 0.12 4.05
N VAL A 38 0.83 0.04 2.73
CA VAL A 38 1.49 0.85 1.72
C VAL A 38 0.77 2.18 1.48
N ARG A 39 1.47 3.14 0.80
CA ARG A 39 1.03 4.43 0.36
C ARG A 39 0.25 4.38 -0.97
N PHE A 40 -0.79 5.22 -1.07
CA PHE A 40 -1.62 5.35 -2.26
C PHE A 40 -1.84 6.81 -2.65
N ASP A 41 -1.77 7.12 -3.98
CA ASP A 41 -2.01 8.44 -4.56
C ASP A 41 -3.41 8.57 -5.19
N ARG A 42 -3.91 7.45 -5.78
CA ARG A 42 -5.11 7.32 -6.61
C ARG A 42 -6.42 7.14 -5.87
N VAL A 43 -6.72 8.00 -4.87
CA VAL A 43 -8.03 8.14 -4.24
C VAL A 43 -8.69 9.35 -4.91
N ASN A 44 -10.05 9.41 -4.99
CA ASN A 44 -10.75 10.49 -5.73
C ASN A 44 -11.08 11.74 -4.90
N TYR A 45 -10.60 11.79 -3.63
CA TYR A 45 -10.61 12.86 -2.62
C TYR A 45 -11.91 13.56 -2.21
N ASN A 46 -12.74 13.97 -3.19
CA ASN A 46 -13.95 14.77 -3.04
C ASN A 46 -15.26 13.98 -3.11
N GLY A 47 -16.11 14.02 -2.04
CA GLY A 47 -17.38 13.28 -1.96
C GLY A 47 -18.64 13.99 -2.46
N PHE A 48 -18.49 14.94 -3.42
CA PHE A 48 -19.56 15.75 -4.00
C PHE A 48 -19.79 15.54 -5.48
N SER A 49 -18.71 15.04 -6.07
CA SER A 49 -18.46 14.71 -7.48
C SER A 49 -18.51 13.22 -7.76
N GLY A 50 -18.79 12.41 -6.72
CA GLY A 50 -18.76 10.97 -6.72
C GLY A 50 -18.46 10.54 -5.32
N SER A 51 -17.40 9.74 -5.08
CA SER A 51 -17.05 9.37 -3.73
C SER A 51 -15.58 9.10 -3.80
N ALA A 52 -14.92 9.01 -2.61
CA ALA A 52 -13.49 8.71 -2.42
C ALA A 52 -13.09 7.31 -2.84
N SER A 53 -13.80 6.29 -2.30
CA SER A 53 -13.73 4.86 -2.60
C SER A 53 -12.47 4.08 -2.16
N GLY A 54 -11.35 4.80 -1.97
CA GLY A 54 -10.07 4.34 -1.48
C GLY A 54 -9.71 4.89 -0.11
N VAL A 55 -8.42 4.72 0.24
CA VAL A 55 -7.76 5.09 1.49
C VAL A 55 -6.40 5.66 1.08
N ASN A 56 -5.58 6.17 2.02
CA ASN A 56 -4.20 6.64 1.79
C ASN A 56 -3.16 5.65 2.34
N THR A 57 -3.48 4.99 3.48
CA THR A 57 -2.73 3.91 4.13
C THR A 57 -3.70 2.74 4.18
N ASN A 58 -3.25 1.56 3.69
CA ASN A 58 -4.11 0.41 3.44
C ASN A 58 -3.26 -0.85 3.54
N ASN A 59 -3.79 -1.83 4.30
CA ASN A 59 -3.25 -3.14 4.64
C ASN A 59 -3.43 -4.26 3.55
N PHE A 60 -2.30 -4.69 2.90
CA PHE A 60 -2.22 -5.70 1.86
C PHE A 60 -1.46 -6.98 2.28
N ALA A 61 -1.34 -7.97 1.35
CA ALA A 61 -0.62 -9.22 1.56
C ALA A 61 0.57 -9.44 0.62
N GLU A 62 1.83 -9.36 1.16
CA GLU A 62 3.23 -9.61 0.73
C GLU A 62 3.62 -10.48 -0.48
N ASN A 63 2.61 -11.04 -1.17
CA ASN A 63 2.57 -11.77 -2.41
C ASN A 63 2.15 -10.78 -3.47
N GLU A 64 1.11 -9.96 -3.17
CA GLU A 64 0.46 -9.09 -4.14
C GLU A 64 1.13 -7.75 -4.21
N LEU A 65 2.39 -7.72 -3.71
CA LEU A 65 3.42 -6.72 -3.72
C LEU A 65 4.72 -7.44 -4.11
N GLU A 66 5.74 -6.73 -4.62
CA GLU A 66 7.14 -7.19 -4.71
C GLU A 66 8.00 -5.98 -4.31
N LEU A 67 9.20 -6.12 -3.69
CA LEU A 67 10.03 -5.01 -3.23
C LEU A 67 11.08 -4.48 -4.21
N VAL A 68 11.38 -3.15 -4.12
CA VAL A 68 12.38 -2.43 -4.91
C VAL A 68 13.53 -1.98 -4.01
N GLN A 69 13.20 -1.57 -2.77
CA GLN A 69 14.07 -1.01 -1.77
C GLN A 69 14.47 -1.94 -0.67
N ALA A 70 15.65 -1.55 -0.19
CA ALA A 70 16.39 -1.97 0.98
C ALA A 70 16.30 -0.89 2.05
N ALA A 71 15.11 -0.65 2.65
CA ALA A 71 14.92 0.31 3.76
C ALA A 71 15.44 -0.25 5.11
N ALA A 72 16.79 -0.27 5.19
CA ALA A 72 17.63 -0.71 6.29
C ALA A 72 17.90 0.39 7.29
N LYS A 73 16.90 0.62 8.17
CA LYS A 73 16.91 1.54 9.27
C LYS A 73 17.50 0.80 10.51
N ALA A 1 7.53 -9.49 -0.58
CA ALA A 1 8.28 -9.79 0.70
C ALA A 1 9.41 -8.82 1.00
N LEU A 2 9.04 -7.70 1.65
CA LEU A 2 9.78 -6.53 2.02
C LEU A 2 10.21 -6.39 3.47
N ASN A 3 10.47 -5.11 3.82
CA ASN A 3 10.92 -4.54 5.07
C ASN A 3 10.26 -3.15 5.20
N ARG A 4 10.50 -2.45 6.35
CA ARG A 4 9.92 -1.20 6.80
C ARG A 4 10.40 0.16 6.24
N GLY A 5 9.52 0.96 5.55
CA GLY A 5 9.87 2.33 5.06
C GLY A 5 10.21 2.40 3.62
N ASP A 6 10.01 1.22 3.00
CA ASP A 6 10.24 0.80 1.67
C ASP A 6 9.11 1.23 0.76
N LYS A 7 9.47 1.56 -0.49
CA LYS A 7 8.64 1.98 -1.59
C LYS A 7 8.26 0.76 -2.38
N VAL A 8 7.37 -0.09 -1.80
CA VAL A 8 7.01 -1.37 -2.36
C VAL A 8 5.84 -1.24 -3.30
N ARG A 9 5.81 -2.10 -4.34
CA ARG A 9 4.84 -2.00 -5.40
C ARG A 9 3.78 -3.06 -5.27
N ILE A 10 2.49 -2.64 -5.21
CA ILE A 10 1.30 -3.50 -5.12
C ILE A 10 0.94 -4.24 -6.43
N LYS A 11 1.04 -5.61 -6.45
CA LYS A 11 0.75 -6.43 -7.62
C LYS A 11 -0.45 -7.38 -7.44
N ARG A 12 -1.63 -6.79 -7.11
CA ARG A 12 -2.93 -7.47 -7.05
C ARG A 12 -3.84 -6.88 -8.14
N THR A 13 -4.37 -7.74 -9.07
CA THR A 13 -5.23 -7.45 -10.22
C THR A 13 -6.68 -7.06 -9.94
N GLU A 14 -7.11 -7.14 -8.66
CA GLU A 14 -8.43 -6.85 -8.12
C GLU A 14 -8.52 -5.44 -7.53
N SER A 15 -7.93 -4.42 -8.19
CA SER A 15 -7.92 -3.06 -7.71
C SER A 15 -7.52 -2.17 -8.86
N TYR A 16 -7.74 -0.84 -8.67
CA TYR A 16 -7.29 0.25 -9.52
C TYR A 16 -5.90 0.74 -9.07
N TRP A 17 -5.38 0.18 -7.93
CA TRP A 17 -4.07 0.39 -7.32
C TRP A 17 -3.09 -0.68 -7.78
N TYR A 18 -3.43 -1.39 -8.89
CA TYR A 18 -2.69 -2.46 -9.53
C TYR A 18 -1.48 -1.90 -10.30
N GLY A 19 -0.28 -2.07 -9.67
CA GLY A 19 1.01 -1.58 -10.15
C GLY A 19 1.40 -0.27 -9.50
N ASP A 20 1.04 -0.03 -8.21
CA ASP A 20 1.35 1.20 -7.51
C ASP A 20 2.43 1.00 -6.47
N VAL A 21 3.41 1.94 -6.43
CA VAL A 21 4.52 2.02 -5.50
C VAL A 21 4.08 2.88 -4.35
N GLY A 22 4.54 2.60 -3.12
CA GLY A 22 4.27 3.48 -2.00
C GLY A 22 5.01 3.00 -0.82
N THR A 23 4.90 3.73 0.29
CA THR A 23 5.59 3.43 1.53
C THR A 23 4.83 2.47 2.37
N VAL A 24 5.50 1.37 2.76
CA VAL A 24 5.01 0.34 3.66
C VAL A 24 5.17 0.75 5.11
N ALA A 25 4.05 1.29 5.64
CA ALA A 25 3.84 1.71 7.02
C ALA A 25 3.24 0.60 7.90
N SER A 26 3.87 -0.58 7.85
CA SER A 26 3.64 -1.91 8.36
C SER A 26 3.82 -2.20 9.83
N VAL A 27 5.10 -2.23 10.27
CA VAL A 27 5.60 -2.79 11.51
C VAL A 27 5.48 -1.94 12.76
N GLU A 28 4.58 -0.95 12.68
CA GLU A 28 4.12 0.02 13.63
C GLU A 28 2.80 -0.50 14.22
N LYS A 29 1.71 -0.53 13.41
CA LYS A 29 0.36 -0.92 13.79
C LYS A 29 -0.11 -2.28 13.29
N SER A 30 0.45 -2.70 12.14
CA SER A 30 0.03 -3.86 11.37
C SER A 30 0.64 -5.18 11.71
N GLY A 31 1.17 -5.33 12.95
CA GLY A 31 1.61 -6.57 13.59
C GLY A 31 0.48 -7.49 14.01
N ILE A 32 -0.48 -7.69 13.08
CA ILE A 32 -1.70 -8.47 13.12
C ILE A 32 -1.56 -9.45 11.97
N LEU A 33 -2.71 -9.77 11.36
CA LEU A 33 -2.94 -10.61 10.19
C LEU A 33 -2.28 -10.12 8.89
N TYR A 34 -2.67 -8.90 8.40
CA TYR A 34 -2.14 -8.31 7.16
C TYR A 34 -1.03 -7.31 7.51
N PRO A 35 0.26 -7.56 7.20
CA PRO A 35 1.41 -6.75 7.60
C PRO A 35 1.65 -5.47 6.79
N VAL A 36 1.46 -5.46 5.46
CA VAL A 36 1.86 -4.37 4.59
C VAL A 36 0.84 -3.25 4.39
N ILE A 37 0.92 -2.15 5.19
CA ILE A 37 0.09 -0.95 5.10
C ILE A 37 0.78 0.00 4.16
N VAL A 38 0.36 0.08 2.88
CA VAL A 38 1.12 0.90 1.92
C VAL A 38 0.40 2.20 1.61
N ARG A 39 1.21 3.19 1.15
CA ARG A 39 0.90 4.52 0.69
C ARG A 39 0.40 4.51 -0.77
N PHE A 40 -0.62 5.31 -1.13
CA PHE A 40 -1.05 5.44 -2.53
C PHE A 40 -1.35 6.88 -2.90
N ASP A 41 -1.10 7.19 -4.19
CA ASP A 41 -1.43 8.43 -4.87
C ASP A 41 -2.66 8.27 -5.78
N ARG A 42 -2.94 7.00 -6.21
CA ARG A 42 -4.00 6.53 -7.10
C ARG A 42 -5.32 6.35 -6.37
N VAL A 43 -5.66 7.27 -5.45
CA VAL A 43 -6.81 7.25 -4.57
C VAL A 43 -7.98 7.97 -5.20
N ASN A 44 -9.17 7.80 -4.59
CA ASN A 44 -10.41 8.46 -4.94
C ASN A 44 -10.80 9.24 -3.69
N TYR A 45 -10.27 10.46 -3.66
CA TYR A 45 -10.40 11.52 -2.67
C TYR A 45 -11.32 12.61 -3.21
N ASN A 46 -11.90 12.40 -4.42
CA ASN A 46 -12.73 13.32 -5.19
C ASN A 46 -14.20 13.37 -4.77
N GLY A 47 -14.45 13.85 -3.52
CA GLY A 47 -15.76 13.98 -2.88
C GLY A 47 -16.58 15.20 -3.22
N PHE A 48 -16.29 15.82 -4.38
CA PHE A 48 -16.96 16.99 -4.97
C PHE A 48 -17.60 16.60 -6.30
N SER A 49 -17.68 15.27 -6.46
CA SER A 49 -18.29 14.52 -7.54
C SER A 49 -19.65 14.05 -7.05
N GLY A 50 -19.56 13.05 -6.17
CA GLY A 50 -20.62 12.41 -5.43
C GLY A 50 -19.98 11.35 -4.58
N SER A 51 -19.16 10.48 -5.21
CA SER A 51 -18.52 9.32 -4.61
C SER A 51 -16.99 9.34 -4.60
N ALA A 52 -16.38 9.45 -3.39
CA ALA A 52 -14.95 9.28 -3.14
C ALA A 52 -14.68 7.83 -2.73
N SER A 53 -14.70 7.56 -1.40
CA SER A 53 -14.64 6.24 -0.76
C SER A 53 -13.31 5.48 -0.88
N GLY A 54 -12.18 6.21 -1.12
CA GLY A 54 -10.81 5.68 -1.28
C GLY A 54 -9.89 6.00 -0.12
N VAL A 55 -8.99 5.05 0.24
CA VAL A 55 -8.03 5.10 1.36
C VAL A 55 -6.60 5.40 0.90
N ASN A 56 -5.81 6.11 1.76
CA ASN A 56 -4.43 6.57 1.53
C ASN A 56 -3.37 5.59 2.03
N THR A 57 -3.73 4.88 3.14
CA THR A 57 -2.93 3.89 3.87
C THR A 57 -3.81 2.67 4.04
N ASN A 58 -3.39 1.48 3.55
CA ASN A 58 -4.23 0.28 3.58
C ASN A 58 -3.39 -1.01 3.51
N ASN A 59 -3.84 -2.01 4.31
CA ASN A 59 -3.32 -3.36 4.55
C ASN A 59 -3.28 -4.38 3.41
N PHE A 60 -2.09 -4.90 3.05
CA PHE A 60 -1.91 -5.94 2.07
C PHE A 60 -1.16 -7.14 2.60
N ALA A 61 -1.20 -8.17 1.72
CA ALA A 61 -0.60 -9.47 1.79
C ALA A 61 0.69 -9.46 1.03
N GLU A 62 1.80 -9.17 1.77
CA GLU A 62 3.23 -9.14 1.55
C GLU A 62 3.89 -9.88 0.37
N ASN A 63 3.20 -10.91 -0.20
CA ASN A 63 3.47 -11.64 -1.41
C ASN A 63 3.17 -10.83 -2.68
N GLU A 64 2.17 -9.90 -2.57
CA GLU A 64 1.62 -9.06 -3.64
C GLU A 64 2.50 -7.83 -3.79
N LEU A 65 3.35 -7.60 -2.77
CA LEU A 65 4.25 -6.49 -2.59
C LEU A 65 5.73 -6.80 -2.86
N GLU A 66 6.21 -6.23 -4.00
CA GLU A 66 7.57 -6.25 -4.56
C GLU A 66 8.42 -5.07 -4.05
N LEU A 67 9.78 -5.17 -3.90
CA LEU A 67 10.68 -4.06 -3.53
C LEU A 67 11.12 -3.16 -4.68
N VAL A 68 11.22 -1.84 -4.39
CA VAL A 68 11.78 -0.83 -5.31
C VAL A 68 12.79 0.00 -4.51
N GLN A 69 12.67 -0.03 -3.17
CA GLN A 69 13.45 0.68 -2.22
C GLN A 69 14.37 -0.22 -1.44
N ALA A 70 15.44 0.41 -0.95
CA ALA A 70 16.48 -0.10 -0.09
C ALA A 70 16.38 0.35 1.36
N ALA A 71 15.15 0.38 1.93
CA ALA A 71 14.87 0.72 3.34
C ALA A 71 15.04 -0.54 4.18
N ALA A 72 16.29 -1.04 4.17
CA ALA A 72 16.76 -2.28 4.74
C ALA A 72 17.36 -2.10 6.11
N LYS A 73 16.44 -2.00 7.10
CA LYS A 73 16.66 -1.97 8.51
C LYS A 73 16.08 -3.32 8.99
N ALA A 1 10.60 -10.75 2.79
CA ALA A 1 10.49 -9.83 3.96
C ALA A 1 10.79 -8.40 3.52
N LEU A 2 9.90 -7.41 3.82
CA LEU A 2 10.12 -6.02 3.52
C LEU A 2 10.50 -5.22 4.74
N ASN A 3 10.20 -3.92 4.65
CA ASN A 3 10.54 -2.84 5.54
C ASN A 3 9.38 -1.86 5.71
N ARG A 4 9.44 -0.93 6.69
CA ARG A 4 8.51 0.17 6.90
C ARG A 4 8.99 1.48 6.23
N GLY A 5 8.50 1.81 5.00
CA GLY A 5 8.83 3.08 4.33
C GLY A 5 9.44 2.89 2.99
N ASP A 6 9.26 1.67 2.48
CA ASP A 6 9.71 1.08 1.28
C ASP A 6 8.67 1.30 0.21
N LYS A 7 9.16 1.53 -1.01
CA LYS A 7 8.42 1.64 -2.23
C LYS A 7 8.41 0.25 -2.81
N VAL A 8 7.49 -0.62 -2.32
CA VAL A 8 7.31 -1.98 -2.76
C VAL A 8 6.34 -1.90 -3.92
N ARG A 9 6.63 -2.60 -5.04
CA ARG A 9 5.84 -2.53 -6.26
C ARG A 9 4.78 -3.58 -6.29
N ILE A 10 3.52 -3.11 -6.18
CA ILE A 10 2.26 -3.83 -6.25
C ILE A 10 1.96 -4.74 -7.48
N LYS A 11 1.99 -6.10 -7.30
CA LYS A 11 1.75 -7.14 -8.30
C LYS A 11 0.54 -8.02 -7.91
N ARG A 12 -0.62 -7.41 -7.56
CA ARG A 12 -1.85 -8.06 -7.10
C ARG A 12 -2.80 -8.75 -8.13
N THR A 13 -4.06 -8.26 -8.22
CA THR A 13 -5.11 -8.81 -9.07
C THR A 13 -6.03 -7.69 -9.48
N GLU A 14 -6.49 -6.84 -8.51
CA GLU A 14 -7.44 -5.75 -8.75
C GLU A 14 -6.81 -4.44 -9.21
N SER A 15 -6.63 -4.21 -10.54
CA SER A 15 -6.07 -3.05 -11.29
C SER A 15 -6.59 -1.62 -11.06
N TYR A 16 -7.06 -1.39 -9.83
CA TYR A 16 -7.35 -0.16 -9.10
C TYR A 16 -6.07 0.01 -8.27
N TRP A 17 -5.70 -1.07 -7.54
CA TRP A 17 -4.53 -1.15 -6.70
C TRP A 17 -3.54 -2.18 -7.24
N TYR A 18 -3.39 -2.35 -8.58
CA TYR A 18 -2.41 -3.22 -9.23
C TYR A 18 -1.89 -2.46 -10.43
N GLY A 19 -0.54 -2.46 -10.60
CA GLY A 19 0.21 -1.93 -11.74
C GLY A 19 0.81 -0.62 -11.37
N ASP A 20 1.44 -0.55 -10.18
CA ASP A 20 1.91 0.67 -9.60
C ASP A 20 2.78 0.28 -8.44
N VAL A 21 3.40 1.28 -7.80
CA VAL A 21 4.21 1.19 -6.58
C VAL A 21 3.42 1.84 -5.43
N GLY A 22 3.97 1.79 -4.21
CA GLY A 22 3.39 2.47 -3.09
C GLY A 22 4.25 2.25 -1.91
N THR A 23 3.94 3.01 -0.84
CA THR A 23 4.66 3.04 0.41
C THR A 23 3.99 2.17 1.42
N VAL A 24 4.69 1.10 1.83
CA VAL A 24 4.34 0.12 2.84
C VAL A 24 4.53 0.67 4.25
N ALA A 25 3.48 1.34 4.75
CA ALA A 25 3.44 1.85 6.11
C ALA A 25 2.73 0.83 7.00
N SER A 26 3.29 -0.40 7.00
CA SER A 26 2.89 -1.71 7.49
C SER A 26 3.05 -1.99 8.95
N VAL A 27 4.28 -2.37 9.32
CA VAL A 27 4.74 -2.92 10.57
C VAL A 27 5.01 -1.83 11.61
N GLU A 28 3.93 -1.08 11.85
CA GLU A 28 3.84 0.04 12.74
C GLU A 28 2.43 0.00 13.36
N LYS A 29 1.39 -0.13 12.47
CA LYS A 29 -0.02 -0.29 12.77
C LYS A 29 -0.53 -1.71 12.55
N SER A 30 0.11 -2.58 11.69
CA SER A 30 -0.26 -3.96 11.34
C SER A 30 -0.13 -5.02 12.42
N GLY A 31 -0.84 -4.68 13.49
CA GLY A 31 -1.31 -5.46 14.62
C GLY A 31 -2.73 -5.92 14.41
N ILE A 32 -3.08 -6.18 13.13
CA ILE A 32 -4.36 -6.61 12.59
C ILE A 32 -4.19 -8.03 12.08
N LEU A 33 -4.75 -8.26 10.88
CA LEU A 33 -4.72 -9.46 10.09
C LEU A 33 -3.55 -9.50 9.12
N TYR A 34 -3.51 -8.66 8.04
CA TYR A 34 -2.46 -8.71 7.00
C TYR A 34 -1.36 -7.66 7.29
N PRO A 35 -0.12 -7.85 6.76
CA PRO A 35 1.06 -7.05 7.13
C PRO A 35 1.23 -5.71 6.40
N VAL A 36 1.18 -5.66 5.07
CA VAL A 36 1.51 -4.56 4.15
C VAL A 36 0.40 -3.53 4.05
N ILE A 37 0.60 -2.28 4.59
CA ILE A 37 -0.37 -1.18 4.59
C ILE A 37 0.20 -0.20 3.61
N VAL A 38 -0.29 -0.22 2.36
CA VAL A 38 0.36 0.49 1.28
C VAL A 38 -0.37 1.72 0.82
N ARG A 39 0.44 2.75 0.51
CA ARG A 39 0.08 4.04 -0.07
C ARG A 39 -0.36 3.96 -1.53
N PHE A 40 -1.32 4.80 -1.95
CA PHE A 40 -1.72 4.93 -3.34
C PHE A 40 -2.28 6.33 -3.49
N ASP A 41 -2.43 6.72 -4.78
CA ASP A 41 -3.19 7.83 -5.33
C ASP A 41 -4.47 7.28 -6.00
N ARG A 42 -4.44 6.01 -6.52
CA ARG A 42 -5.52 5.32 -7.22
C ARG A 42 -6.66 4.81 -6.35
N VAL A 43 -7.14 5.63 -5.40
CA VAL A 43 -8.24 5.32 -4.51
C VAL A 43 -9.57 5.78 -5.11
N ASN A 44 -10.69 5.48 -4.41
CA ASN A 44 -12.03 5.80 -4.86
C ASN A 44 -12.46 7.22 -4.48
N TYR A 45 -11.73 8.17 -5.11
CA TYR A 45 -11.82 9.63 -5.11
C TYR A 45 -13.11 10.23 -5.70
N ASN A 46 -14.24 9.87 -5.07
CA ASN A 46 -15.60 10.33 -5.33
C ASN A 46 -15.96 11.38 -4.25
N GLY A 47 -14.93 12.06 -3.68
CA GLY A 47 -15.04 13.12 -2.70
C GLY A 47 -14.91 14.48 -3.33
N PHE A 48 -15.87 15.42 -3.06
CA PHE A 48 -15.88 16.80 -3.59
C PHE A 48 -15.25 17.81 -2.61
N SER A 49 -14.71 17.16 -1.59
CA SER A 49 -13.89 17.55 -0.46
C SER A 49 -12.46 17.12 -0.78
N GLY A 50 -12.34 15.79 -0.96
CA GLY A 50 -11.15 15.08 -1.42
C GLY A 50 -11.35 13.62 -1.15
N SER A 51 -11.24 13.24 0.14
CA SER A 51 -11.34 11.87 0.63
C SER A 51 -12.68 11.53 1.26
N ALA A 52 -13.60 10.99 0.44
CA ALA A 52 -14.91 10.49 0.86
C ALA A 52 -14.88 8.97 1.03
N SER A 53 -14.55 8.30 -0.07
CA SER A 53 -14.38 6.86 -0.14
C SER A 53 -12.96 6.51 -0.54
N GLY A 54 -12.01 7.47 -0.36
CA GLY A 54 -10.61 7.33 -0.73
C GLY A 54 -9.68 7.27 0.45
N VAL A 55 -9.31 6.02 0.82
CA VAL A 55 -8.40 5.60 1.86
C VAL A 55 -7.03 5.43 1.21
N ASN A 56 -6.06 6.30 1.57
CA ASN A 56 -4.75 6.41 0.92
C ASN A 56 -3.68 5.44 1.46
N THR A 57 -4.20 4.29 1.98
CA THR A 57 -3.61 3.12 2.62
C THR A 57 -4.54 1.93 2.31
N ASN A 58 -4.06 0.65 2.19
CA ASN A 58 -4.92 -0.54 2.12
C ASN A 58 -4.09 -1.76 2.50
N ASN A 59 -4.75 -2.93 2.74
CA ASN A 59 -4.18 -4.16 3.26
C ASN A 59 -3.77 -5.24 2.23
N PHE A 60 -2.45 -5.48 2.13
CA PHE A 60 -1.79 -6.40 1.23
C PHE A 60 -1.02 -7.51 1.94
N ALA A 61 -0.59 -8.47 1.13
CA ALA A 61 0.24 -9.61 1.48
C ALA A 61 1.54 -9.66 0.68
N GLU A 62 2.71 -9.47 1.35
CA GLU A 62 4.14 -9.55 0.98
C GLU A 62 4.62 -10.44 -0.17
N ASN A 63 3.80 -11.43 -0.61
CA ASN A 63 3.86 -12.30 -1.78
C ASN A 63 3.85 -11.50 -3.07
N GLU A 64 2.88 -10.56 -3.15
CA GLU A 64 2.55 -9.83 -4.36
C GLU A 64 3.26 -8.49 -4.45
N LEU A 65 4.28 -8.27 -3.57
CA LEU A 65 5.07 -7.07 -3.42
C LEU A 65 6.57 -7.28 -3.62
N GLU A 66 7.21 -6.61 -4.62
CA GLU A 66 8.67 -6.60 -4.77
C GLU A 66 9.27 -5.23 -4.46
N LEU A 67 10.41 -5.15 -3.69
CA LEU A 67 11.18 -4.01 -3.25
C LEU A 67 11.78 -3.04 -4.28
N VAL A 68 11.74 -1.70 -3.96
CA VAL A 68 12.31 -0.58 -4.75
C VAL A 68 13.00 0.50 -3.90
N GLN A 69 12.50 0.81 -2.66
CA GLN A 69 13.09 1.77 -1.74
C GLN A 69 13.62 1.05 -0.53
N ALA A 70 14.97 0.91 -0.45
CA ALA A 70 15.75 0.33 0.65
C ALA A 70 15.73 1.14 1.94
N ALA A 71 14.50 1.27 2.50
CA ALA A 71 14.11 1.97 3.71
C ALA A 71 14.35 1.09 4.90
N ALA A 72 15.65 0.79 5.19
CA ALA A 72 16.22 -0.05 6.24
C ALA A 72 15.97 0.39 7.70
N LYS A 73 14.70 0.70 7.94
CA LYS A 73 13.99 1.07 9.11
C LYS A 73 13.00 -0.10 9.36
N ALA A 1 11.21 -9.73 1.64
CA ALA A 1 10.09 -8.94 2.25
C ALA A 1 10.57 -7.53 2.46
N LEU A 2 9.66 -6.54 2.61
CA LEU A 2 9.97 -5.15 2.75
C LEU A 2 10.41 -4.60 4.11
N ASN A 3 10.46 -3.25 4.18
CA ASN A 3 11.02 -2.46 5.28
C ASN A 3 10.31 -1.13 5.41
N ARG A 4 10.75 -0.34 6.44
CA ARG A 4 10.28 0.93 6.97
C ARG A 4 10.38 2.18 6.13
N GLY A 5 9.58 2.19 5.05
CA GLY A 5 9.40 3.27 4.08
C GLY A 5 9.62 2.82 2.69
N ASP A 6 9.43 1.50 2.44
CA ASP A 6 9.59 0.86 1.16
C ASP A 6 8.50 1.25 0.19
N LYS A 7 8.92 1.68 -1.02
CA LYS A 7 8.08 1.95 -2.17
C LYS A 7 8.02 0.60 -2.86
N VAL A 8 7.05 -0.23 -2.41
CA VAL A 8 6.78 -1.57 -2.85
C VAL A 8 5.80 -1.47 -3.99
N ARG A 9 5.98 -2.26 -5.08
CA ARG A 9 5.17 -2.14 -6.27
C ARG A 9 4.11 -3.20 -6.34
N ILE A 10 2.94 -2.93 -5.70
CA ILE A 10 1.75 -3.80 -5.61
C ILE A 10 1.27 -4.62 -6.86
N LYS A 11 1.21 -5.99 -6.75
CA LYS A 11 0.73 -6.93 -7.75
C LYS A 11 -0.50 -7.74 -7.25
N ARG A 12 -1.40 -7.04 -6.48
CA ARG A 12 -2.63 -7.50 -5.83
C ARG A 12 -3.84 -7.18 -6.71
N THR A 13 -4.68 -8.20 -7.00
CA THR A 13 -5.84 -8.21 -7.89
C THR A 13 -7.08 -7.55 -7.31
N GLU A 14 -7.50 -8.04 -6.11
CA GLU A 14 -8.57 -7.59 -5.24
C GLU A 14 -8.13 -6.35 -4.44
N SER A 15 -7.96 -5.24 -5.19
CA SER A 15 -7.48 -3.94 -4.76
C SER A 15 -7.88 -3.01 -5.86
N TYR A 16 -7.78 -1.69 -5.60
CA TYR A 16 -8.01 -0.58 -6.51
C TYR A 16 -6.70 -0.10 -7.17
N TRP A 17 -5.53 -0.62 -6.70
CA TRP A 17 -4.22 -0.18 -7.11
C TRP A 17 -3.37 -1.34 -7.60
N TYR A 18 -3.97 -2.22 -8.46
CA TYR A 18 -3.35 -3.36 -9.15
C TYR A 18 -2.42 -2.88 -10.28
N GLY A 19 -1.07 -2.98 -10.08
CA GLY A 19 -0.07 -2.48 -11.03
C GLY A 19 0.28 -1.04 -10.76
N ASP A 20 0.52 -0.71 -9.48
CA ASP A 20 0.90 0.61 -9.01
C ASP A 20 1.88 0.41 -7.89
N VAL A 21 2.59 1.49 -7.50
CA VAL A 21 3.56 1.55 -6.42
C VAL A 21 2.96 2.22 -5.19
N GLY A 22 3.68 2.16 -4.06
CA GLY A 22 3.24 2.74 -2.82
C GLY A 22 4.20 2.46 -1.71
N THR A 23 4.06 3.27 -0.65
CA THR A 23 4.88 3.32 0.55
C THR A 23 4.36 2.52 1.73
N VAL A 24 5.28 1.78 2.37
CA VAL A 24 5.11 1.09 3.64
C VAL A 24 4.90 1.95 4.88
N ALA A 25 3.59 2.16 5.08
CA ALA A 25 2.89 2.75 6.21
C ALA A 25 2.35 1.63 7.10
N SER A 26 2.87 0.39 6.89
CA SER A 26 2.64 -0.96 7.43
C SER A 26 3.19 -1.29 8.77
N VAL A 27 4.12 -0.45 9.27
CA VAL A 27 4.90 -0.63 10.49
C VAL A 27 4.11 -0.08 11.66
N GLU A 28 2.95 -0.71 11.80
CA GLU A 28 1.89 -0.40 12.71
C GLU A 28 1.25 -1.72 13.13
N LYS A 29 0.09 -2.03 12.51
CA LYS A 29 -0.83 -3.12 12.68
C LYS A 29 -0.52 -4.37 11.88
N SER A 30 0.76 -4.58 11.53
CA SER A 30 1.39 -5.69 10.82
C SER A 30 1.35 -7.07 11.49
N GLY A 31 0.75 -7.17 12.70
CA GLY A 31 0.54 -8.35 13.52
C GLY A 31 -0.67 -9.16 13.15
N ILE A 32 -0.88 -9.37 11.82
CA ILE A 32 -1.98 -10.09 11.18
C ILE A 32 -1.43 -10.96 10.05
N LEU A 33 -2.38 -11.55 9.26
CA LEU A 33 -2.26 -12.42 8.08
C LEU A 33 -2.05 -11.61 6.80
N TYR A 34 -2.49 -10.33 6.86
CA TYR A 34 -2.38 -9.28 5.86
C TYR A 34 -1.54 -8.22 6.56
N PRO A 35 -0.20 -8.22 6.46
CA PRO A 35 0.71 -7.38 7.24
C PRO A 35 0.95 -5.96 6.71
N VAL A 36 0.92 -5.78 5.36
CA VAL A 36 1.38 -4.60 4.62
C VAL A 36 0.32 -3.58 4.25
N ILE A 37 0.23 -2.49 5.06
CA ILE A 37 -0.61 -1.31 4.89
C ILE A 37 0.19 -0.36 4.04
N VAL A 38 -0.28 -0.01 2.83
CA VAL A 38 0.55 0.79 1.91
C VAL A 38 -0.20 2.04 1.46
N ARG A 39 0.59 3.07 1.04
CA ARG A 39 0.24 4.36 0.46
C ARG A 39 -0.03 4.23 -1.04
N PHE A 40 -0.78 5.13 -1.70
CA PHE A 40 -0.98 5.13 -3.15
C PHE A 40 -1.23 6.56 -3.56
N ASP A 41 -1.46 6.81 -4.87
CA ASP A 41 -1.69 8.10 -5.48
C ASP A 41 -3.18 8.45 -5.72
N ARG A 42 -4.02 7.47 -6.16
CA ARG A 42 -5.40 7.66 -6.63
C ARG A 42 -6.53 8.08 -5.66
N VAL A 43 -7.24 7.17 -4.95
CA VAL A 43 -8.39 7.46 -4.05
C VAL A 43 -7.85 7.86 -2.68
N ASN A 44 -7.39 9.11 -2.76
CA ASN A 44 -6.45 9.71 -1.86
C ASN A 44 -6.58 11.22 -2.07
N TYR A 45 -6.76 11.68 -3.35
CA TYR A 45 -6.84 13.09 -3.75
C TYR A 45 -8.16 13.82 -3.49
N ASN A 46 -8.81 14.37 -4.55
CA ASN A 46 -9.94 15.28 -4.47
C ASN A 46 -11.35 14.65 -4.45
N GLY A 47 -12.11 14.84 -3.33
CA GLY A 47 -13.49 14.34 -3.08
C GLY A 47 -14.67 15.03 -3.75
N PHE A 48 -14.59 15.20 -5.10
CA PHE A 48 -15.59 15.90 -5.90
C PHE A 48 -16.01 15.08 -7.12
N SER A 49 -15.68 13.79 -7.00
CA SER A 49 -15.92 12.69 -7.93
C SER A 49 -17.09 11.81 -7.47
N GLY A 50 -17.56 12.09 -6.24
CA GLY A 50 -18.38 11.26 -5.39
C GLY A 50 -17.49 11.03 -4.19
N SER A 51 -17.59 9.87 -3.50
CA SER A 51 -16.77 9.51 -2.33
C SER A 51 -15.31 9.12 -2.62
N ALA A 52 -14.50 10.07 -3.15
CA ALA A 52 -13.09 9.91 -3.47
C ALA A 52 -12.15 10.25 -2.30
N SER A 53 -12.73 10.67 -1.16
CA SER A 53 -12.08 10.94 0.13
C SER A 53 -12.46 9.80 1.10
N GLY A 54 -12.31 8.54 0.63
CA GLY A 54 -12.70 7.30 1.29
C GLY A 54 -11.58 6.59 2.01
N VAL A 55 -11.06 5.49 1.40
CA VAL A 55 -9.96 4.69 1.95
C VAL A 55 -8.75 4.81 1.04
N ASN A 56 -7.59 5.12 1.63
CA ASN A 56 -6.28 5.16 0.97
C ASN A 56 -5.41 3.96 1.34
N THR A 57 -5.41 3.58 2.64
CA THR A 57 -4.62 2.50 3.20
C THR A 57 -5.27 1.13 3.11
N ASN A 58 -4.72 0.32 2.19
CA ASN A 58 -5.08 -1.05 1.85
C ASN A 58 -4.05 -1.95 2.53
N ASN A 59 -4.52 -3.01 3.22
CA ASN A 59 -3.70 -3.95 3.96
C ASN A 59 -3.49 -5.22 3.13
N PHE A 60 -2.30 -5.35 2.53
CA PHE A 60 -1.90 -6.39 1.61
C PHE A 60 -1.10 -7.54 2.21
N ALA A 61 -0.97 -8.58 1.36
CA ALA A 61 -0.21 -9.79 1.55
C ALA A 61 1.11 -9.74 0.76
N GLU A 62 2.24 -9.45 1.49
CA GLU A 62 3.67 -9.41 1.19
C GLU A 62 4.25 -10.12 -0.04
N ASN A 63 3.63 -11.25 -0.50
CA ASN A 63 3.84 -11.94 -1.78
C ASN A 63 3.62 -11.01 -2.97
N GLU A 64 2.53 -10.20 -2.85
CA GLU A 64 2.01 -9.36 -3.90
C GLU A 64 2.71 -8.04 -3.96
N LEU A 65 3.58 -7.74 -2.97
CA LEU A 65 4.35 -6.53 -2.91
C LEU A 65 5.77 -6.75 -3.39
N GLU A 66 6.14 -6.21 -4.58
CA GLU A 66 7.49 -6.31 -5.13
C GLU A 66 8.38 -5.14 -4.71
N LEU A 67 9.61 -5.37 -4.17
CA LEU A 67 10.58 -4.41 -3.69
C LEU A 67 11.24 -3.42 -4.68
N VAL A 68 11.38 -2.12 -4.26
CA VAL A 68 12.07 -1.05 -5.00
C VAL A 68 12.95 -0.22 -4.06
N GLN A 69 12.42 0.11 -2.86
CA GLN A 69 13.03 0.96 -1.84
C GLN A 69 13.44 0.21 -0.58
N ALA A 70 14.72 -0.16 -0.46
CA ALA A 70 15.40 -0.81 0.69
C ALA A 70 15.55 0.10 1.93
N ALA A 71 14.41 0.59 2.44
CA ALA A 71 14.21 1.55 3.51
C ALA A 71 14.45 1.03 4.92
N ALA A 72 15.64 0.44 5.14
CA ALA A 72 16.13 -0.11 6.39
C ALA A 72 17.07 0.88 7.04
N LYS A 73 16.52 1.70 7.95
CA LYS A 73 17.22 2.73 8.70
C LYS A 73 17.53 2.19 10.11
N ALA A 1 9.75 -10.63 6.41
CA ALA A 1 9.10 -9.45 5.76
C ALA A 1 10.08 -8.31 5.72
N LEU A 2 9.66 -7.18 5.10
CA LEU A 2 10.38 -5.95 4.91
C LEU A 2 10.36 -4.97 6.09
N ASN A 3 10.62 -3.69 5.74
CA ASN A 3 10.86 -2.56 6.60
C ASN A 3 9.89 -1.41 6.39
N ARG A 4 10.18 -0.28 7.10
CA ARG A 4 9.46 0.98 7.12
C ARG A 4 10.02 1.95 6.09
N GLY A 5 9.29 2.15 4.96
CA GLY A 5 9.65 3.08 3.88
C GLY A 5 9.93 2.37 2.60
N ASP A 6 9.88 1.02 2.68
CA ASP A 6 10.20 0.03 1.71
C ASP A 6 9.13 -0.18 0.66
N LYS A 7 9.03 0.84 -0.23
CA LYS A 7 8.19 1.05 -1.40
C LYS A 7 7.90 -0.20 -2.20
N VAL A 8 6.81 -0.92 -1.81
CA VAL A 8 6.44 -2.23 -2.33
C VAL A 8 5.59 -1.98 -3.56
N ARG A 9 5.82 -2.77 -4.63
CA ARG A 9 5.24 -2.51 -5.93
C ARG A 9 3.99 -3.29 -6.25
N ILE A 10 2.80 -2.73 -5.85
CA ILE A 10 1.41 -3.17 -6.13
C ILE A 10 1.11 -4.00 -7.42
N LYS A 11 1.01 -5.37 -7.33
CA LYS A 11 0.85 -6.23 -8.49
C LYS A 11 -0.50 -6.92 -8.53
N ARG A 12 -1.62 -6.20 -8.24
CA ARG A 12 -3.00 -6.67 -8.34
C ARG A 12 -3.65 -6.15 -9.61
N THR A 13 -4.42 -7.02 -10.32
CA THR A 13 -5.15 -6.79 -11.56
C THR A 13 -6.41 -5.94 -11.40
N GLU A 14 -7.36 -6.39 -10.55
CA GLU A 14 -8.65 -5.79 -10.25
C GLU A 14 -8.60 -4.56 -9.34
N SER A 15 -7.96 -3.48 -9.85
CA SER A 15 -7.81 -2.18 -9.20
C SER A 15 -7.30 -1.25 -10.28
N TYR A 16 -7.14 0.06 -9.94
CA TYR A 16 -6.64 1.15 -10.74
C TYR A 16 -5.14 1.36 -10.56
N TRP A 17 -4.48 0.52 -9.71
CA TRP A 17 -3.09 0.68 -9.31
C TRP A 17 -2.19 -0.46 -9.74
N TYR A 18 -2.53 -1.22 -10.84
CA TYR A 18 -1.79 -2.38 -11.36
C TYR A 18 -0.44 -2.01 -12.02
N GLY A 19 0.70 -2.38 -11.36
CA GLY A 19 2.04 -2.11 -11.89
C GLY A 19 2.55 -0.76 -11.49
N ASP A 20 2.10 -0.27 -10.30
CA ASP A 20 2.49 0.96 -9.69
C ASP A 20 3.07 0.60 -8.36
N VAL A 21 3.63 1.58 -7.64
CA VAL A 21 4.24 1.43 -6.32
C VAL A 21 3.37 2.11 -5.27
N GLY A 22 3.77 1.96 -4.00
CA GLY A 22 3.29 2.74 -2.88
C GLY A 22 4.33 2.46 -1.86
N THR A 23 4.24 3.11 -0.72
CA THR A 23 5.14 2.97 0.41
C THR A 23 4.54 2.01 1.39
N VAL A 24 5.31 1.13 2.05
CA VAL A 24 4.84 0.38 3.21
C VAL A 24 4.91 1.28 4.44
N ALA A 25 3.68 1.57 4.90
CA ALA A 25 3.33 2.29 6.09
C ALA A 25 2.64 1.32 7.06
N SER A 26 3.02 0.03 7.05
CA SER A 26 2.52 -1.04 7.90
C SER A 26 3.20 -1.20 9.23
N VAL A 27 4.55 -1.05 9.29
CA VAL A 27 5.38 -1.33 10.47
C VAL A 27 5.39 -0.13 11.42
N GLU A 28 4.17 -0.04 11.99
CA GLU A 28 3.63 0.92 12.89
C GLU A 28 2.42 0.26 13.51
N LYS A 29 1.47 -0.24 12.66
CA LYS A 29 0.20 -0.85 13.05
C LYS A 29 0.07 -2.35 12.82
N SER A 30 0.88 -2.92 11.89
CA SER A 30 1.02 -4.22 11.17
C SER A 30 0.46 -5.52 11.71
N GLY A 31 0.08 -5.51 13.00
CA GLY A 31 -0.40 -6.58 13.85
C GLY A 31 -1.87 -6.92 13.71
N ILE A 32 -2.35 -6.98 12.44
CA ILE A 32 -3.73 -7.24 12.05
C ILE A 32 -3.81 -8.41 11.07
N LEU A 33 -5.00 -8.62 10.47
CA LEU A 33 -5.38 -9.64 9.47
C LEU A 33 -4.74 -9.46 8.09
N TYR A 34 -4.48 -8.19 7.70
CA TYR A 34 -3.79 -7.79 6.48
C TYR A 34 -2.43 -7.30 6.96
N PRO A 35 -1.29 -7.92 6.56
CA PRO A 35 0.04 -7.69 7.16
C PRO A 35 0.68 -6.38 6.75
N VAL A 36 0.53 -5.99 5.46
CA VAL A 36 1.12 -4.80 4.87
C VAL A 36 0.08 -3.72 4.55
N ILE A 37 0.14 -2.54 5.22
CA ILE A 37 -0.55 -1.29 4.90
C ILE A 37 0.36 -0.55 3.95
N VAL A 38 -0.13 -0.11 2.78
CA VAL A 38 0.67 0.58 1.79
C VAL A 38 0.06 1.93 1.50
N ARG A 39 0.89 2.95 1.14
CA ARG A 39 0.50 4.26 0.68
C ARG A 39 -0.02 4.21 -0.74
N PHE A 40 -0.62 5.32 -1.21
CA PHE A 40 -1.17 5.40 -2.55
C PHE A 40 -0.90 6.74 -3.17
N ASP A 41 -0.24 6.58 -4.34
CA ASP A 41 0.30 7.41 -5.39
C ASP A 41 -0.61 8.43 -6.07
N ARG A 42 -1.84 8.03 -6.41
CA ARG A 42 -2.78 8.84 -7.16
C ARG A 42 -4.09 8.80 -6.44
N VAL A 43 -4.44 9.76 -5.53
CA VAL A 43 -5.75 9.84 -4.87
C VAL A 43 -6.78 10.48 -5.82
N ASN A 44 -7.11 9.66 -6.82
CA ASN A 44 -7.89 9.98 -8.02
C ASN A 44 -8.82 8.80 -8.27
N TYR A 45 -9.37 8.27 -7.16
CA TYR A 45 -10.33 7.17 -7.07
C TYR A 45 -11.50 7.72 -6.27
N ASN A 46 -12.03 8.87 -6.76
CA ASN A 46 -13.03 9.80 -6.23
C ASN A 46 -14.37 9.31 -5.70
N GLY A 47 -14.27 8.64 -4.51
CA GLY A 47 -15.33 8.39 -3.53
C GLY A 47 -15.51 9.62 -2.68
N PHE A 48 -16.18 10.64 -3.27
CA PHE A 48 -16.41 11.99 -2.76
C PHE A 48 -17.64 12.16 -1.87
N SER A 49 -18.09 10.98 -1.43
CA SER A 49 -19.16 10.66 -0.51
C SER A 49 -18.62 10.44 0.91
N GLY A 50 -17.27 10.55 1.09
CA GLY A 50 -16.59 10.48 2.39
C GLY A 50 -15.99 9.14 2.71
N SER A 51 -15.96 8.21 1.72
CA SER A 51 -15.46 6.86 1.83
C SER A 51 -14.09 6.64 1.22
N ALA A 52 -13.95 6.81 -0.14
CA ALA A 52 -12.71 6.50 -0.84
C ALA A 52 -11.71 7.62 -1.03
N SER A 53 -12.09 8.91 -0.89
CA SER A 53 -11.13 10.03 -1.03
C SER A 53 -10.56 10.52 0.31
N GLY A 54 -10.62 9.65 1.34
CA GLY A 54 -9.99 9.80 2.64
C GLY A 54 -8.88 8.79 2.81
N VAL A 55 -8.59 7.97 1.77
CA VAL A 55 -7.60 6.91 1.79
C VAL A 55 -6.30 7.30 1.07
N ASN A 56 -5.28 7.49 1.90
CA ASN A 56 -3.87 7.78 1.61
C ASN A 56 -3.06 6.50 1.74
N THR A 57 -3.41 5.65 2.76
CA THR A 57 -2.88 4.34 3.14
C THR A 57 -4.03 3.31 3.20
N ASN A 58 -3.95 2.19 2.44
CA ASN A 58 -4.92 1.08 2.42
C ASN A 58 -4.24 -0.21 2.90
N ASN A 59 -5.01 -1.17 3.49
CA ASN A 59 -4.57 -2.47 3.95
C ASN A 59 -4.42 -3.48 2.81
N PHE A 60 -3.26 -4.17 2.72
CA PHE A 60 -2.99 -5.10 1.63
C PHE A 60 -2.55 -6.48 2.01
N ALA A 61 -2.57 -7.29 0.93
CA ALA A 61 -2.27 -8.68 0.87
C ALA A 61 -1.00 -8.95 0.09
N GLU A 62 0.15 -8.92 0.79
CA GLU A 62 1.54 -9.26 0.55
C GLU A 62 1.93 -10.16 -0.63
N ASN A 63 1.00 -11.04 -1.11
CA ASN A 63 0.99 -11.82 -2.34
C ASN A 63 1.09 -10.96 -3.60
N GLU A 64 0.47 -9.75 -3.55
CA GLU A 64 0.41 -8.77 -4.61
C GLU A 64 1.43 -7.66 -4.37
N LEU A 65 2.45 -7.85 -3.48
CA LEU A 65 3.46 -6.84 -3.16
C LEU A 65 4.92 -7.30 -3.28
N GLU A 66 5.66 -6.72 -4.26
CA GLU A 66 7.09 -6.94 -4.46
C GLU A 66 7.94 -5.80 -3.88
N LEU A 67 8.99 -6.05 -3.06
CA LEU A 67 10.01 -5.14 -2.51
C LEU A 67 10.84 -4.34 -3.53
N VAL A 68 10.95 -2.99 -3.41
CA VAL A 68 11.76 -2.18 -4.35
C VAL A 68 12.74 -1.23 -3.65
N GLN A 69 12.43 -0.77 -2.43
CA GLN A 69 13.23 0.20 -1.72
C GLN A 69 14.05 -0.38 -0.58
N ALA A 70 15.30 0.12 -0.54
CA ALA A 70 16.35 -0.12 0.44
C ALA A 70 16.25 0.84 1.63
N ALA A 71 15.05 0.80 2.30
CA ALA A 71 14.70 1.60 3.46
C ALA A 71 14.86 0.76 4.70
N ALA A 72 16.08 0.17 4.83
CA ALA A 72 16.49 -0.70 5.90
C ALA A 72 17.32 0.07 6.93
N LYS A 73 17.20 -0.33 8.20
CA LYS A 73 17.92 0.20 9.33
C LYS A 73 18.92 -0.88 9.84
N ALA A 1 9.98 -11.37 3.52
CA ALA A 1 9.57 -10.19 4.35
C ALA A 1 10.16 -8.93 3.77
N LEU A 2 9.61 -7.74 4.12
CA LEU A 2 10.02 -6.43 3.67
C LEU A 2 10.85 -5.64 4.68
N ASN A 3 10.66 -4.31 4.63
CA ASN A 3 11.32 -3.23 5.38
C ASN A 3 10.33 -2.12 5.71
N ARG A 4 10.74 -1.10 6.52
CA ARG A 4 10.02 0.10 6.89
C ARG A 4 10.36 1.30 6.01
N GLY A 5 9.47 1.80 5.11
CA GLY A 5 9.74 3.05 4.39
C GLY A 5 10.28 2.86 3.03
N ASP A 6 10.15 1.58 2.59
CA ASP A 6 10.49 0.97 1.35
C ASP A 6 9.32 1.25 0.42
N LYS A 7 9.58 1.42 -0.88
CA LYS A 7 8.59 1.56 -1.89
C LYS A 7 8.36 0.16 -2.43
N VAL A 8 7.40 -0.61 -1.84
CA VAL A 8 7.06 -1.97 -2.23
C VAL A 8 6.03 -1.88 -3.35
N ARG A 9 6.11 -2.79 -4.34
CA ARG A 9 5.37 -2.73 -5.57
C ARG A 9 4.10 -3.53 -5.65
N ILE A 10 2.94 -2.84 -5.47
CA ILE A 10 1.55 -3.28 -5.64
C ILE A 10 1.20 -4.25 -6.84
N LYS A 11 1.10 -5.60 -6.63
CA LYS A 11 0.86 -6.53 -7.74
C LYS A 11 -0.47 -7.27 -7.60
N ARG A 12 -1.55 -6.52 -7.26
CA ARG A 12 -2.94 -6.92 -7.16
C ARG A 12 -3.65 -6.49 -8.42
N THR A 13 -4.37 -7.45 -9.06
CA THR A 13 -5.07 -7.41 -10.33
C THR A 13 -6.34 -6.57 -10.31
N GLU A 14 -7.31 -6.99 -9.45
CA GLU A 14 -8.60 -6.40 -9.11
C GLU A 14 -8.39 -5.13 -8.28
N SER A 15 -7.92 -4.08 -8.98
CA SER A 15 -7.46 -2.87 -8.35
C SER A 15 -7.52 -1.70 -9.30
N TYR A 16 -7.25 -0.56 -8.66
CA TYR A 16 -7.03 0.76 -9.17
C TYR A 16 -5.51 1.00 -9.29
N TRP A 17 -4.67 0.18 -8.60
CA TRP A 17 -3.25 0.45 -8.42
C TRP A 17 -2.27 -0.61 -8.95
N TYR A 18 -2.72 -1.52 -9.85
CA TYR A 18 -1.98 -2.63 -10.45
C TYR A 18 -0.73 -2.29 -11.29
N GLY A 19 0.47 -2.70 -10.78
CA GLY A 19 1.74 -2.65 -11.51
C GLY A 19 2.49 -1.38 -11.30
N ASP A 20 2.24 -0.72 -10.15
CA ASP A 20 2.83 0.51 -9.78
C ASP A 20 3.20 0.35 -8.33
N VAL A 21 3.94 1.31 -7.76
CA VAL A 21 4.50 1.24 -6.42
C VAL A 21 3.72 2.06 -5.37
N GLY A 22 4.17 1.98 -4.08
CA GLY A 22 3.67 2.72 -2.95
C GLY A 22 4.64 2.47 -1.85
N THR A 23 4.54 3.21 -0.74
CA THR A 23 5.43 3.12 0.42
C THR A 23 4.90 2.10 1.40
N VAL A 24 5.73 1.23 2.01
CA VAL A 24 5.31 0.43 3.15
C VAL A 24 5.43 1.21 4.46
N ALA A 25 4.23 1.46 5.00
CA ALA A 25 3.92 2.04 6.29
C ALA A 25 3.38 0.95 7.22
N SER A 26 3.72 -0.34 6.96
CA SER A 26 3.29 -1.55 7.67
C SER A 26 4.02 -1.86 8.94
N VAL A 27 5.37 -1.94 8.93
CA VAL A 27 6.20 -2.54 9.99
C VAL A 27 6.44 -1.63 11.19
N GLU A 28 5.30 -1.14 11.67
CA GLU A 28 5.09 -0.18 12.71
C GLU A 28 3.77 -0.58 13.37
N LYS A 29 2.67 -0.59 12.57
CA LYS A 29 1.30 -0.89 13.01
C LYS A 29 0.71 -2.19 12.48
N SER A 30 1.54 -3.03 11.77
CA SER A 30 1.35 -4.31 11.05
C SER A 30 0.37 -5.35 11.60
N GLY A 31 0.20 -5.34 12.95
CA GLY A 31 -0.61 -6.20 13.81
C GLY A 31 -2.12 -6.11 13.66
N ILE A 32 -2.60 -6.13 12.40
CA ILE A 32 -4.02 -6.10 12.05
C ILE A 32 -4.48 -7.41 11.41
N LEU A 33 -5.58 -7.30 10.62
CA LEU A 33 -6.28 -8.34 9.86
C LEU A 33 -5.53 -8.83 8.62
N TYR A 34 -4.79 -7.91 7.98
CA TYR A 34 -3.89 -8.14 6.84
C TYR A 34 -2.57 -7.54 7.36
N PRO A 35 -1.37 -7.88 6.88
CA PRO A 35 -0.14 -7.30 7.43
C PRO A 35 0.22 -5.94 6.79
N VAL A 36 0.42 -5.86 5.45
CA VAL A 36 0.97 -4.72 4.74
C VAL A 36 0.11 -3.47 4.62
N ILE A 37 0.45 -2.40 5.40
CA ILE A 37 -0.12 -1.07 5.28
C ILE A 37 0.76 -0.33 4.28
N VAL A 38 0.24 -0.10 3.05
CA VAL A 38 1.00 0.58 2.00
C VAL A 38 0.36 1.94 1.70
N ARG A 39 1.22 2.92 1.28
CA ARG A 39 0.91 4.26 0.81
C ARG A 39 0.56 4.20 -0.65
N PHE A 40 -0.34 5.08 -1.09
CA PHE A 40 -0.69 5.30 -2.49
C PHE A 40 -1.15 6.76 -2.53
N ASP A 41 -0.86 7.47 -3.63
CA ASP A 41 -1.29 8.84 -3.90
C ASP A 41 -2.42 8.91 -4.93
N ARG A 42 -2.76 7.71 -5.46
CA ARG A 42 -3.81 7.39 -6.44
C ARG A 42 -5.15 7.16 -5.73
N VAL A 43 -5.45 8.09 -4.80
CA VAL A 43 -6.60 8.27 -3.94
C VAL A 43 -7.56 9.28 -4.56
N ASN A 44 -8.79 9.38 -4.02
CA ASN A 44 -9.82 10.29 -4.45
C ASN A 44 -10.34 10.97 -3.22
N TYR A 45 -9.71 12.12 -2.95
CA TYR A 45 -9.97 13.07 -1.87
C TYR A 45 -11.21 13.98 -2.03
N ASN A 46 -12.02 13.81 -3.10
CA ASN A 46 -13.26 14.54 -3.36
C ASN A 46 -14.44 13.67 -2.97
N GLY A 47 -14.73 13.60 -1.63
CA GLY A 47 -15.73 12.70 -1.05
C GLY A 47 -17.17 13.12 -1.17
N PHE A 48 -17.42 14.45 -1.36
CA PHE A 48 -18.74 15.09 -1.49
C PHE A 48 -19.34 15.02 -2.90
N SER A 49 -18.63 14.25 -3.72
CA SER A 49 -18.86 13.86 -5.09
C SER A 49 -19.41 12.43 -5.17
N GLY A 50 -19.26 11.66 -4.05
CA GLY A 50 -19.71 10.27 -3.87
C GLY A 50 -18.71 9.22 -4.28
N SER A 51 -17.39 9.55 -4.23
CA SER A 51 -16.33 8.67 -4.72
C SER A 51 -15.07 8.66 -3.84
N ALA A 52 -15.16 8.52 -2.49
CA ALA A 52 -14.01 8.47 -1.57
C ALA A 52 -13.49 7.07 -1.28
N SER A 53 -14.06 6.05 -1.97
CA SER A 53 -13.79 4.61 -1.93
C SER A 53 -12.42 4.11 -2.43
N GLY A 54 -11.47 5.04 -2.63
CA GLY A 54 -10.06 4.86 -2.94
C GLY A 54 -9.32 5.32 -1.72
N VAL A 55 -8.44 4.47 -1.16
CA VAL A 55 -7.76 4.65 0.12
C VAL A 55 -6.27 4.90 -0.04
N ASN A 56 -5.68 5.68 0.90
CA ASN A 56 -4.27 6.06 0.97
C ASN A 56 -3.46 5.04 1.77
N THR A 57 -3.90 4.70 3.02
CA THR A 57 -3.27 3.69 3.87
C THR A 57 -4.17 2.47 3.90
N ASN A 58 -3.85 1.49 3.04
CA ASN A 58 -4.63 0.28 2.82
C ASN A 58 -3.89 -0.95 3.31
N ASN A 59 -4.70 -1.92 3.82
CA ASN A 59 -4.29 -3.17 4.42
C ASN A 59 -4.27 -4.28 3.38
N PHE A 60 -3.06 -4.51 2.83
CA PHE A 60 -2.79 -5.37 1.69
C PHE A 60 -2.21 -6.72 2.07
N ALA A 61 -2.24 -7.62 1.09
CA ALA A 61 -1.83 -9.00 1.14
C ALA A 61 -0.44 -9.17 0.58
N GLU A 62 0.59 -9.08 1.47
CA GLU A 62 2.06 -9.28 1.39
C GLU A 62 2.64 -10.04 0.22
N ASN A 63 1.95 -11.15 -0.16
CA ASN A 63 2.17 -11.98 -1.33
C ASN A 63 2.17 -11.26 -2.70
N GLU A 64 1.44 -10.11 -2.75
CA GLU A 64 1.29 -9.22 -3.88
C GLU A 64 2.25 -8.04 -3.80
N LEU A 65 3.17 -7.98 -2.80
CA LEU A 65 4.08 -6.88 -2.55
C LEU A 65 5.54 -7.30 -2.71
N GLU A 66 6.20 -6.79 -3.79
CA GLU A 66 7.62 -7.00 -4.07
C GLU A 66 8.41 -5.73 -3.79
N LEU A 67 9.67 -5.85 -3.35
CA LEU A 67 10.61 -4.78 -3.03
C LEU A 67 11.23 -4.06 -4.23
N VAL A 68 11.42 -2.72 -4.07
CA VAL A 68 12.12 -1.84 -5.00
C VAL A 68 13.17 -1.06 -4.22
N GLN A 69 12.90 -0.84 -2.92
CA GLN A 69 13.70 -0.10 -2.00
C GLN A 69 14.27 -0.95 -0.89
N ALA A 70 15.52 -0.57 -0.58
CA ALA A 70 16.36 -1.07 0.50
C ALA A 70 16.35 -0.12 1.69
N ALA A 71 15.12 0.15 2.25
CA ALA A 71 14.84 1.00 3.41
C ALA A 71 15.19 0.39 4.77
N ALA A 72 16.45 -0.07 4.90
CA ALA A 72 17.08 -0.63 6.07
C ALA A 72 17.94 0.44 6.67
N LYS A 73 17.92 0.59 8.02
CA LYS A 73 18.73 1.57 8.73
C LYS A 73 20.16 1.01 8.95
N ALA A 1 9.24 -10.63 4.58
CA ALA A 1 8.79 -9.57 5.53
C ALA A 1 9.71 -8.38 5.36
N LEU A 2 9.17 -7.16 5.13
CA LEU A 2 9.90 -5.94 4.92
C LEU A 2 10.01 -5.01 6.14
N ASN A 3 10.24 -3.71 5.83
CA ASN A 3 10.45 -2.59 6.74
C ASN A 3 9.62 -1.41 6.27
N ARG A 4 9.80 -0.23 6.91
CA ARG A 4 9.10 1.04 6.73
C ARG A 4 9.78 2.03 5.77
N GLY A 5 9.25 2.19 4.53
CA GLY A 5 9.74 3.17 3.53
C GLY A 5 10.44 2.49 2.40
N ASP A 6 10.42 1.15 2.49
CA ASP A 6 10.97 0.12 1.68
C ASP A 6 9.95 -0.27 0.61
N LYS A 7 9.45 0.78 -0.11
CA LYS A 7 8.42 0.89 -1.14
C LYS A 7 8.18 -0.31 -2.02
N VAL A 8 7.05 -1.04 -1.80
CA VAL A 8 6.75 -2.28 -2.50
C VAL A 8 5.94 -2.01 -3.77
N ARG A 9 6.07 -2.86 -4.82
CA ARG A 9 5.37 -2.62 -6.09
C ARG A 9 4.11 -3.44 -6.21
N ILE A 10 2.94 -2.90 -5.71
CA ILE A 10 1.58 -3.48 -5.79
C ILE A 10 1.14 -4.31 -7.04
N LYS A 11 1.14 -5.67 -6.91
CA LYS A 11 0.88 -6.63 -8.00
C LYS A 11 -0.54 -7.23 -7.96
N ARG A 12 -1.55 -6.37 -7.68
CA ARG A 12 -2.96 -6.63 -7.55
C ARG A 12 -3.71 -6.31 -8.82
N THR A 13 -4.45 -7.30 -9.38
CA THR A 13 -5.16 -7.28 -10.65
C THR A 13 -6.42 -6.43 -10.70
N GLU A 14 -7.42 -6.76 -9.86
CA GLU A 14 -8.73 -6.11 -9.76
C GLU A 14 -8.71 -4.81 -8.96
N SER A 15 -8.01 -3.80 -9.52
CA SER A 15 -7.82 -2.48 -8.98
C SER A 15 -7.10 -1.68 -10.03
N TYR A 16 -7.11 -0.33 -9.91
CA TYR A 16 -6.47 0.67 -10.76
C TYR A 16 -5.06 1.04 -10.28
N TRP A 17 -4.47 0.14 -9.45
CA TRP A 17 -3.20 0.21 -8.77
C TRP A 17 -2.22 -0.82 -9.28
N TYR A 18 -2.65 -1.66 -10.28
CA TYR A 18 -1.92 -2.81 -10.86
C TYR A 18 -0.54 -2.49 -11.49
N GLY A 19 0.57 -2.87 -10.79
CA GLY A 19 1.94 -2.59 -11.24
C GLY A 19 2.44 -1.19 -10.94
N ASP A 20 1.89 -0.52 -9.88
CA ASP A 20 2.30 0.78 -9.40
C ASP A 20 3.06 0.53 -8.13
N VAL A 21 3.99 1.43 -7.76
CA VAL A 21 4.73 1.40 -6.50
C VAL A 21 3.97 2.16 -5.43
N GLY A 22 4.15 1.76 -4.16
CA GLY A 22 3.62 2.52 -3.05
C GLY A 22 4.58 2.36 -1.96
N THR A 23 4.41 3.20 -0.92
CA THR A 23 5.28 3.28 0.24
C THR A 23 4.76 2.48 1.40
N VAL A 24 5.48 1.43 1.78
CA VAL A 24 5.20 0.47 2.83
C VAL A 24 5.21 0.96 4.30
N ALA A 25 4.20 1.75 4.71
CA ALA A 25 4.07 2.24 6.09
C ALA A 25 3.35 1.24 7.01
N SER A 26 3.93 0.01 6.98
CA SER A 26 3.56 -1.27 7.55
C SER A 26 4.04 -1.59 8.92
N VAL A 27 5.39 -1.59 9.17
CA VAL A 27 6.03 -2.21 10.33
C VAL A 27 6.03 -1.36 11.59
N GLU A 28 4.81 -0.90 11.84
CA GLU A 28 4.38 -0.06 12.92
C GLU A 28 3.08 -0.69 13.41
N LYS A 29 2.08 -0.81 12.50
CA LYS A 29 0.75 -1.36 12.72
C LYS A 29 0.51 -2.69 12.02
N SER A 30 1.53 -3.30 11.36
CA SER A 30 1.57 -4.64 10.69
C SER A 30 0.98 -5.82 11.47
N GLY A 31 0.99 -5.72 12.82
CA GLY A 31 0.51 -6.64 13.85
C GLY A 31 -0.97 -6.97 13.90
N ILE A 32 -1.55 -7.23 12.69
CA ILE A 32 -2.94 -7.59 12.40
C ILE A 32 -3.08 -8.94 11.68
N LEU A 33 -4.23 -9.09 10.96
CA LEU A 33 -4.72 -10.22 10.17
C LEU A 33 -4.25 -10.24 8.71
N TYR A 34 -3.66 -9.09 8.24
CA TYR A 34 -3.05 -8.89 6.93
C TYR A 34 -1.76 -8.17 7.29
N PRO A 35 -0.60 -8.43 6.64
CA PRO A 35 0.70 -7.95 7.11
C PRO A 35 1.07 -6.52 6.71
N VAL A 36 0.87 -6.12 5.44
CA VAL A 36 1.44 -4.89 4.87
C VAL A 36 0.45 -3.74 4.65
N ILE A 37 0.84 -2.52 5.12
CA ILE A 37 0.16 -1.23 4.92
C ILE A 37 1.01 -0.49 3.91
N VAL A 38 0.43 0.00 2.79
CA VAL A 38 1.20 0.67 1.73
C VAL A 38 0.48 1.92 1.33
N ARG A 39 1.19 3.04 0.97
CA ARG A 39 0.69 4.29 0.43
C ARG A 39 0.15 4.23 -1.00
N PHE A 40 -0.61 5.27 -1.39
CA PHE A 40 -1.21 5.41 -2.69
C PHE A 40 -1.32 6.89 -3.05
N ASP A 41 -1.02 7.23 -4.35
CA ASP A 41 -1.23 8.54 -4.95
C ASP A 41 -2.58 8.60 -5.70
N ARG A 42 -3.02 7.45 -6.28
CA ARG A 42 -4.25 7.20 -7.06
C ARG A 42 -5.48 7.02 -6.19
N VAL A 43 -5.76 8.06 -5.37
CA VAL A 43 -6.85 8.16 -4.41
C VAL A 43 -8.04 8.87 -5.05
N ASN A 44 -9.22 8.71 -4.40
CA ASN A 44 -10.53 9.23 -4.75
C ASN A 44 -10.87 10.44 -3.90
N TYR A 45 -10.13 11.50 -4.26
CA TYR A 45 -10.08 12.89 -3.80
C TYR A 45 -11.35 13.74 -3.92
N ASN A 46 -12.31 13.40 -4.82
CA ASN A 46 -13.54 14.16 -5.07
C ASN A 46 -14.73 13.49 -4.35
N GLY A 47 -15.75 14.29 -3.96
CA GLY A 47 -16.85 13.87 -3.09
C GLY A 47 -18.05 13.22 -3.76
N PHE A 48 -18.12 13.23 -5.11
CA PHE A 48 -19.25 12.76 -5.95
C PHE A 48 -19.43 11.26 -6.13
N SER A 49 -18.45 10.60 -5.55
CA SER A 49 -18.22 9.18 -5.34
C SER A 49 -18.53 8.75 -3.90
N GLY A 50 -18.78 9.72 -2.97
CA GLY A 50 -19.12 9.43 -1.58
C GLY A 50 -18.48 10.39 -0.63
N SER A 51 -17.13 10.44 -0.59
CA SER A 51 -16.37 11.32 0.27
C SER A 51 -14.98 11.27 -0.33
N ALA A 52 -14.09 12.21 0.07
CA ALA A 52 -12.71 12.39 -0.41
C ALA A 52 -11.63 11.60 0.34
N SER A 53 -12.05 10.70 1.24
CA SER A 53 -11.19 9.87 2.10
C SER A 53 -11.17 8.42 1.62
N GLY A 54 -11.16 8.20 0.28
CA GLY A 54 -11.17 6.90 -0.42
C GLY A 54 -9.89 6.11 -0.45
N VAL A 55 -9.30 5.95 0.76
CA VAL A 55 -8.09 5.26 1.24
C VAL A 55 -6.75 5.74 0.72
N ASN A 56 -5.84 6.04 1.66
CA ASN A 56 -4.48 6.50 1.43
C ASN A 56 -3.52 5.33 1.55
N THR A 57 -3.47 4.72 2.75
CA THR A 57 -2.70 3.55 3.12
C THR A 57 -3.63 2.36 3.21
N ASN A 58 -3.46 1.33 2.34
CA ASN A 58 -4.33 0.16 2.29
C ASN A 58 -3.60 -1.02 2.89
N ASN A 59 -4.37 -1.90 3.55
CA ASN A 59 -3.97 -3.13 4.23
C ASN A 59 -4.03 -4.28 3.21
N PHE A 60 -2.84 -4.80 2.81
CA PHE A 60 -2.64 -5.78 1.75
C PHE A 60 -1.96 -7.07 2.16
N ALA A 61 -1.93 -7.97 1.16
CA ALA A 61 -1.44 -9.33 1.14
C ALA A 61 -0.15 -9.51 0.36
N GLU A 62 0.99 -9.52 1.09
CA GLU A 62 2.41 -9.83 0.80
C GLU A 62 2.82 -10.55 -0.49
N ASN A 63 1.95 -11.50 -0.97
CA ASN A 63 1.90 -12.25 -2.23
C ASN A 63 2.10 -11.37 -3.45
N GLU A 64 1.35 -10.23 -3.41
CA GLU A 64 1.30 -9.24 -4.43
C GLU A 64 2.14 -8.04 -4.06
N LEU A 65 3.08 -8.13 -3.07
CA LEU A 65 3.95 -7.06 -2.64
C LEU A 65 5.42 -7.42 -2.56
N GLU A 66 6.15 -7.06 -3.63
CA GLU A 66 7.60 -7.25 -3.77
C GLU A 66 8.36 -5.93 -3.63
N LEU A 67 9.58 -5.96 -3.01
CA LEU A 67 10.52 -4.86 -2.78
C LEU A 67 11.12 -4.18 -4.02
N VAL A 68 11.20 -2.82 -3.94
CA VAL A 68 11.82 -1.91 -4.93
C VAL A 68 12.72 -0.90 -4.23
N GLN A 69 12.42 -0.58 -2.95
CA GLN A 69 13.17 0.32 -2.10
C GLN A 69 13.72 -0.47 -0.96
N ALA A 70 14.90 -0.04 -0.52
CA ALA A 70 15.67 -0.48 0.63
C ALA A 70 15.67 0.56 1.76
N ALA A 71 14.61 0.64 2.59
CA ALA A 71 14.61 1.47 3.79
C ALA A 71 14.78 0.60 5.03
N ALA A 72 16.02 0.15 5.30
CA ALA A 72 16.41 -0.72 6.40
C ALA A 72 16.55 -0.06 7.78
N LYS A 73 17.19 -0.82 8.69
CA LYS A 73 17.54 -0.47 10.04
C LYS A 73 19.09 -0.36 10.13
#